data_7EAN
#
_entry.id   7EAN
#
_cell.length_a   58.280
_cell.length_b   85.340
_cell.length_c   160.710
_cell.angle_alpha   90.000
_cell.angle_beta   90.000
_cell.angle_gamma   90.000
#
_symmetry.space_group_name_H-M   'P 21 21 21'
#
loop_
_entity.id
_entity.type
_entity.pdbx_description
1 polymer 'Spike protein S1'
2 polymer 'Heavy chain of SARS-CoV-2 cross-neutralizing mAb 6D6'
3 polymer 'Light chain of SARS-CoV-2 cross-neutralizing mAb 6D6'
4 non-polymer 2-acetamido-2-deoxy-beta-D-glucopyranose
5 water water
#
loop_
_entity_poly.entity_id
_entity_poly.type
_entity_poly.pdbx_seq_one_letter_code
_entity_poly.pdbx_strand_id
1 'polypeptide(L)'
;RVQPTESIVRFPNITNLCPFGEVFNATRFASVYAWNRKRISNCVADYSVLYNSASFSTFKCYGVSPTKLNDLCFTNVYAD
SFVIRGDEVRQIAPGQTGKIADYNYKLPDDFTGCVIAWNSNNLDSKVGGNYNYLYRLFRKSNLKPFERDISTEIYQAGST
PCNGVEGFNCYFPLQSYGFQPTNGVGYQPYRVVVLSFELLHAPATVCGPKKSTNLVKNKCVNF
;
A
2 'polypeptide(L)'
;EVQLQQSGAELVKPGASVKLSCTTSGFNIIDTYMHWVKQRPEEGLEWIGGIDPVNGNSEYDPKFQDKATITADTSSNTAY
LHLSRLTSEDTAVYYCASAHYYGSSSSFPYWGQGTDLVTVSAKTTPPSVYPLAPGSAAQTNSMVTLGCLVKGYFPEPVTV
TWNSGSLSSGVHTFPAVLQSDLYTLSSSVTVPSSPWPSETVTCNVAHPASSTKVDKKIVPRG
;
H
3 'polypeptide(L)'
;DIVMTQSQKFMSTSVGDRVSVTCKASQNVGTHVAWYQQKPGQSPKALIYSASYRYSGVPDRFTGSGVGTDFTLTITNVQS
EDLAEYFCQQYNSYFTFGSGTKLEIKRADAAPTVSIFPPSSEQLTSGGASVVCFLNNFYPKDINVKWKIDGSERQNGVLN
SWTDQDSKDSTYSMSSTLTLTKDEYERHNSYTCEATHKTSTSPIVKSFNR
;
L
#
loop_
_chem_comp.id
_chem_comp.type
_chem_comp.name
_chem_comp.formula
NAG D-saccharide, beta linking 2-acetamido-2-deoxy-beta-D-glucopyranose 'C8 H15 N O6'
#
# COMPACT_ATOMS: atom_id res chain seq x y z
N THR A 15 27.69 -15.16 31.08
CA THR A 15 27.24 -16.16 30.11
C THR A 15 25.82 -15.86 29.65
N ASN A 16 25.67 -15.36 28.43
CA ASN A 16 24.36 -15.03 27.85
C ASN A 16 24.02 -16.06 26.79
N LEU A 17 23.32 -17.10 27.19
CA LEU A 17 22.95 -18.17 26.29
C LEU A 17 21.78 -17.73 25.41
N CYS A 18 21.74 -18.26 24.20
CA CYS A 18 20.61 -18.01 23.32
C CYS A 18 19.35 -18.61 23.94
N PRO A 19 18.21 -17.88 23.90
CA PRO A 19 16.99 -18.38 24.58
C PRO A 19 16.26 -19.45 23.76
N PHE A 20 16.94 -20.58 23.54
CA PHE A 20 16.31 -21.66 22.81
C PHE A 20 15.05 -22.16 23.52
N GLY A 21 15.07 -22.22 24.85
CA GLY A 21 13.90 -22.69 25.58
C GLY A 21 12.61 -21.97 25.20
N GLU A 22 12.70 -20.65 25.02
CA GLU A 22 11.52 -19.89 24.63
C GLU A 22 10.94 -20.39 23.32
N VAL A 23 11.76 -21.01 22.48
CA VAL A 23 11.28 -21.50 21.20
C VAL A 23 10.77 -22.92 21.38
N PHE A 24 11.64 -23.81 21.91
CA PHE A 24 11.30 -25.23 21.92
C PHE A 24 10.24 -25.58 22.96
N ASN A 25 10.17 -24.85 24.07
CA ASN A 25 9.17 -25.12 25.09
C ASN A 25 8.14 -24.00 25.21
N ALA A 26 7.95 -23.22 24.14
CA ALA A 26 6.87 -22.24 24.12
C ALA A 26 5.56 -22.88 24.57
N THR A 27 4.78 -22.13 25.33
CA THR A 27 3.51 -22.70 25.79
C THR A 27 2.65 -23.15 24.62
N ARG A 28 2.40 -22.26 23.67
CA ARG A 28 1.63 -22.58 22.49
C ARG A 28 2.47 -22.54 21.23
N PHE A 29 2.06 -23.33 20.24
CA PHE A 29 2.67 -23.35 18.93
C PHE A 29 1.68 -22.87 17.88
N ALA A 30 2.20 -22.20 16.86
CA ALA A 30 1.39 -21.69 15.78
C ALA A 30 0.91 -22.80 14.85
N SER A 31 -0.25 -22.55 14.24
CA SER A 31 -0.65 -23.27 13.04
C SER A 31 0.37 -22.98 11.92
N VAL A 32 0.57 -23.98 11.05
CA VAL A 32 1.65 -23.88 10.07
C VAL A 32 1.42 -22.72 9.09
N TYR A 33 0.18 -22.46 8.75
CA TYR A 33 -0.13 -21.38 7.83
C TYR A 33 0.30 -20.05 8.42
N ALA A 34 0.21 -19.94 9.75
CA ALA A 34 0.60 -18.75 10.48
C ALA A 34 1.92 -18.90 11.24
N TRP A 35 2.87 -19.68 10.68
CA TRP A 35 4.12 -20.01 11.35
C TRP A 35 4.79 -18.78 11.93
N ASN A 36 5.33 -18.94 13.13
CA ASN A 36 5.98 -17.88 13.87
C ASN A 36 7.49 -17.90 13.65
N ARG A 37 8.09 -16.73 13.67
CA ARG A 37 9.54 -16.63 13.55
C ARG A 37 10.10 -15.79 14.67
N LYS A 38 11.15 -16.30 15.31
CA LYS A 38 11.89 -15.60 16.34
C LYS A 38 13.30 -15.26 15.84
N ARG A 39 13.76 -14.04 16.12
CA ARG A 39 15.10 -13.63 15.78
C ARG A 39 16.01 -13.86 16.99
N ILE A 40 17.11 -14.57 16.76
CA ILE A 40 18.12 -14.90 17.76
C ILE A 40 19.39 -14.16 17.39
N SER A 41 19.85 -13.30 18.29
CA SER A 41 21.01 -12.45 18.04
C SER A 41 21.77 -12.26 19.34
N ASN A 42 23.07 -11.99 19.22
CA ASN A 42 23.92 -11.53 20.32
C ASN A 42 23.79 -12.45 21.54
N CYS A 43 24.14 -13.70 21.30
CA CYS A 43 24.11 -14.70 22.37
C CYS A 43 25.02 -15.86 22.00
N VAL A 44 25.26 -16.73 22.96
CA VAL A 44 26.05 -17.93 22.76
C VAL A 44 25.10 -19.10 22.62
N ALA A 45 25.21 -19.83 21.50
CA ALA A 45 24.29 -20.92 21.17
C ALA A 45 25.01 -22.24 21.41
N ASP A 46 24.45 -23.08 22.28
CA ASP A 46 25.04 -24.40 22.55
C ASP A 46 24.19 -25.44 21.83
N TYR A 47 24.37 -25.52 20.52
CA TYR A 47 23.55 -26.42 19.71
C TYR A 47 23.64 -27.86 20.17
N SER A 48 24.78 -28.24 20.75
CA SER A 48 24.99 -29.63 21.11
C SER A 48 23.94 -30.13 22.09
N VAL A 49 23.41 -29.26 22.95
CA VAL A 49 22.33 -29.67 23.84
C VAL A 49 21.10 -30.04 23.04
N LEU A 50 20.86 -29.33 21.94
CA LEU A 50 19.71 -29.68 21.11
C LEU A 50 19.97 -30.98 20.34
N TYR A 51 21.13 -31.07 19.67
CA TYR A 51 21.36 -32.24 18.84
C TYR A 51 21.42 -33.51 19.68
N ASN A 52 21.93 -33.39 20.91
CA ASN A 52 22.08 -34.53 21.81
C ASN A 52 20.80 -34.88 22.57
N SER A 53 19.70 -34.20 22.28
CA SER A 53 18.43 -34.45 22.94
C SER A 53 17.68 -35.53 22.15
N ALA A 54 17.43 -36.65 22.81
CA ALA A 54 16.72 -37.74 22.18
C ALA A 54 15.26 -37.42 21.91
N SER A 55 14.70 -36.42 22.59
CA SER A 55 13.29 -36.13 22.37
C SER A 55 13.00 -35.74 20.92
N PHE A 56 14.02 -35.34 20.17
CA PHE A 56 13.81 -34.86 18.81
C PHE A 56 13.83 -36.06 17.85
N SER A 57 12.68 -36.32 17.24
CA SER A 57 12.50 -37.40 16.29
C SER A 57 13.20 -37.11 14.98
N THR A 58 13.30 -35.84 14.63
CA THR A 58 13.89 -35.34 13.39
C THR A 58 14.92 -34.27 13.80
N PHE A 59 16.08 -34.28 13.16
CA PHE A 59 17.12 -33.28 13.35
C PHE A 59 17.98 -33.36 12.13
N LYS A 60 17.61 -32.62 11.08
CA LYS A 60 18.24 -32.71 9.77
C LYS A 60 18.84 -31.36 9.42
N CYS A 61 20.11 -31.34 9.10
CA CYS A 61 20.80 -30.09 8.83
C CYS A 61 21.12 -30.01 7.34
N TYR A 62 21.16 -28.78 6.83
CA TYR A 62 21.43 -28.52 5.42
C TYR A 62 22.54 -27.49 5.31
N GLY A 63 23.59 -27.84 4.60
CA GLY A 63 24.70 -26.92 4.46
C GLY A 63 25.59 -26.78 5.67
N VAL A 64 25.35 -27.54 6.73
CA VAL A 64 26.21 -27.55 7.90
C VAL A 64 26.12 -28.93 8.53
N SER A 65 27.09 -29.27 9.31
CA SER A 65 27.12 -30.58 9.95
C SER A 65 26.72 -30.46 11.42
N PRO A 66 25.72 -31.24 11.86
CA PRO A 66 25.15 -31.03 13.20
C PRO A 66 26.12 -31.26 14.34
N THR A 67 27.10 -32.14 14.16
CA THR A 67 28.07 -32.37 15.24
C THR A 67 29.06 -31.21 15.40
N LYS A 68 29.17 -30.35 14.39
CA LYS A 68 30.14 -29.27 14.39
C LYS A 68 29.49 -27.91 14.57
N LEU A 69 28.20 -27.90 14.89
CA LEU A 69 27.49 -26.63 14.99
C LEU A 69 28.14 -25.70 16.00
N ASN A 70 28.68 -26.27 17.09
CA ASN A 70 29.23 -25.47 18.16
C ASN A 70 30.54 -24.77 17.78
N ASP A 71 31.06 -25.00 16.58
CA ASP A 71 32.28 -24.36 16.14
C ASP A 71 32.04 -23.27 15.10
N LEU A 72 30.79 -22.88 14.86
CA LEU A 72 30.47 -21.95 13.79
C LEU A 72 29.77 -20.71 14.34
N CYS A 73 29.89 -19.62 13.61
CA CYS A 73 29.39 -18.32 14.01
C CYS A 73 28.50 -17.78 12.90
N PHE A 74 27.40 -17.14 13.27
CA PHE A 74 26.48 -16.55 12.31
C PHE A 74 26.12 -15.13 12.73
N THR A 75 25.70 -14.35 11.73
CA THR A 75 25.25 -12.99 12.02
C THR A 75 23.93 -13.01 12.75
N ASN A 76 23.02 -13.90 12.35
CA ASN A 76 21.71 -14.07 12.96
C ASN A 76 21.31 -15.54 12.82
N VAL A 77 20.46 -15.99 13.75
CA VAL A 77 19.73 -17.23 13.61
C VAL A 77 18.24 -16.92 13.69
N TYR A 78 17.46 -17.56 12.82
CA TYR A 78 16.02 -17.46 12.89
C TYR A 78 15.44 -18.81 13.26
N ALA A 79 14.39 -18.81 14.06
CA ALA A 79 13.74 -20.02 14.53
C ALA A 79 12.26 -19.90 14.15
N ASP A 80 11.83 -20.68 13.17
CA ASP A 80 10.45 -20.74 12.76
C ASP A 80 9.82 -21.98 13.40
N SER A 81 8.60 -21.85 13.91
CA SER A 81 7.95 -22.94 14.62
C SER A 81 6.46 -22.99 14.28
N PHE A 82 5.94 -24.21 14.29
CA PHE A 82 4.56 -24.50 13.92
C PHE A 82 4.28 -25.97 14.18
N VAL A 83 3.03 -26.38 13.92
CA VAL A 83 2.58 -27.76 14.07
C VAL A 83 2.08 -28.28 12.73
N ILE A 84 2.44 -29.52 12.39
CA ILE A 84 1.92 -30.24 11.23
C ILE A 84 1.71 -31.69 11.65
N ARG A 85 1.20 -32.51 10.74
CA ARG A 85 1.04 -33.94 11.06
C ARG A 85 2.26 -34.74 10.63
N GLY A 86 2.39 -35.94 11.19
CA GLY A 86 3.61 -36.74 11.02
C GLY A 86 4.03 -36.93 9.58
N ASP A 87 3.12 -37.35 8.72
CA ASP A 87 3.46 -37.62 7.34
C ASP A 87 3.92 -36.38 6.57
N GLU A 88 3.76 -35.18 7.14
CA GLU A 88 4.15 -33.95 6.44
C GLU A 88 5.53 -33.44 6.84
N VAL A 89 6.14 -34.04 7.86
CA VAL A 89 7.45 -33.58 8.30
C VAL A 89 8.44 -33.63 7.15
N ARG A 90 8.33 -34.66 6.30
CA ARG A 90 9.21 -34.75 5.13
C ARG A 90 9.06 -33.57 4.17
N GLN A 91 7.99 -32.81 4.25
CA GLN A 91 7.85 -31.65 3.37
C GLN A 91 8.66 -30.46 3.83
N ILE A 92 9.09 -30.47 5.09
CA ILE A 92 9.82 -29.36 5.65
C ILE A 92 11.28 -29.62 5.27
N ALA A 93 11.62 -29.38 4.01
CA ALA A 93 12.96 -29.59 3.48
C ALA A 93 13.01 -28.86 2.16
N PRO A 94 14.19 -28.44 1.72
CA PRO A 94 14.28 -27.77 0.42
C PRO A 94 13.88 -28.69 -0.73
N GLY A 95 13.21 -28.10 -1.72
CA GLY A 95 12.89 -28.82 -2.92
C GLY A 95 11.71 -29.76 -2.83
N GLN A 96 10.87 -29.61 -1.82
CA GLN A 96 9.76 -30.52 -1.61
C GLN A 96 8.46 -29.96 -2.17
N THR A 97 7.50 -30.86 -2.38
CA THR A 97 6.20 -30.54 -2.94
C THR A 97 5.13 -31.06 -1.99
N GLY A 98 3.93 -30.52 -2.13
CA GLY A 98 2.79 -30.90 -1.31
C GLY A 98 2.16 -29.66 -0.67
N LYS A 99 1.07 -29.95 0.05
CA LYS A 99 0.22 -28.85 0.50
C LYS A 99 0.97 -27.97 1.49
N ILE A 100 1.78 -28.59 2.35
CA ILE A 100 2.56 -27.81 3.32
C ILE A 100 3.66 -27.05 2.60
N ALA A 101 4.47 -27.73 1.81
CA ALA A 101 5.57 -27.07 1.12
C ALA A 101 5.08 -26.03 0.11
N ASP A 102 3.94 -26.27 -0.52
CA ASP A 102 3.50 -25.35 -1.57
C ASP A 102 2.69 -24.19 -1.01
N TYR A 103 1.90 -24.41 0.01
CA TYR A 103 0.89 -23.44 0.40
C TYR A 103 1.05 -22.93 1.82
N ASN A 104 1.92 -23.53 2.65
CA ASN A 104 2.03 -23.14 4.05
C ASN A 104 3.43 -22.71 4.49
N TYR A 105 4.47 -23.48 4.19
CA TYR A 105 5.82 -23.12 4.64
C TYR A 105 6.82 -23.67 3.63
N LYS A 106 7.60 -22.78 3.02
CA LYS A 106 8.47 -23.12 1.90
C LYS A 106 9.89 -22.73 2.26
N LEU A 107 10.79 -23.68 2.18
CA LEU A 107 12.19 -23.38 2.33
C LEU A 107 12.82 -23.07 0.98
N PRO A 108 13.86 -22.23 0.97
CA PRO A 108 14.56 -21.96 -0.28
C PRO A 108 15.43 -23.14 -0.67
N ASP A 109 15.76 -23.19 -1.97
CA ASP A 109 16.64 -24.26 -2.47
C ASP A 109 18.02 -24.17 -1.83
N ASP A 110 18.52 -22.96 -1.62
CA ASP A 110 19.84 -22.74 -1.03
C ASP A 110 19.79 -22.70 0.50
N PHE A 111 18.80 -23.35 1.09
CA PHE A 111 18.59 -23.27 2.54
C PHE A 111 19.81 -23.76 3.29
N THR A 112 20.17 -23.03 4.35
CA THR A 112 21.27 -23.39 5.24
C THR A 112 20.70 -23.39 6.65
N GLY A 113 20.60 -24.56 7.28
CA GLY A 113 19.97 -24.60 8.59
C GLY A 113 19.62 -26.02 8.99
N CYS A 114 18.76 -26.11 10.02
CA CYS A 114 18.39 -27.40 10.56
C CYS A 114 16.88 -27.47 10.78
N VAL A 115 16.31 -28.63 10.52
CA VAL A 115 14.89 -28.90 10.71
C VAL A 115 14.77 -29.88 11.86
N ILE A 116 14.03 -29.47 12.89
CA ILE A 116 13.92 -30.22 14.13
C ILE A 116 12.44 -30.47 14.38
N ALA A 117 12.09 -31.72 14.67
CA ALA A 117 10.69 -32.02 14.93
C ALA A 117 10.57 -33.08 16.02
N TRP A 118 9.40 -33.13 16.67
CA TRP A 118 9.14 -34.16 17.65
C TRP A 118 7.63 -34.35 17.77
N ASN A 119 7.25 -35.55 18.14
CA ASN A 119 5.85 -35.91 18.27
C ASN A 119 5.25 -35.16 19.46
N SER A 120 4.16 -34.47 19.25
CA SER A 120 3.47 -33.74 20.31
C SER A 120 2.07 -34.30 20.56
N ASN A 121 1.84 -35.59 20.28
CA ASN A 121 0.53 -36.19 20.51
C ASN A 121 0.04 -35.95 21.94
N ASN A 122 0.92 -36.13 22.92
CA ASN A 122 0.55 -35.97 24.30
C ASN A 122 0.09 -34.55 24.64
N LEU A 123 0.52 -33.54 23.89
CA LEU A 123 0.08 -32.17 24.19
C LEU A 123 -0.86 -31.57 23.18
N ASP A 124 -0.81 -31.99 21.91
CA ASP A 124 -1.61 -31.37 20.88
C ASP A 124 -2.81 -32.19 20.42
N SER A 125 -2.97 -33.42 20.90
CA SER A 125 -4.15 -34.21 20.65
C SER A 125 -5.07 -34.19 21.86
N LYS A 126 -6.37 -34.40 21.63
CA LYS A 126 -7.34 -34.57 22.70
C LYS A 126 -8.43 -35.53 22.25
N VAL A 127 -9.01 -36.24 23.21
CA VAL A 127 -9.86 -37.40 22.89
C VAL A 127 -11.07 -36.97 22.06
N GLY A 128 -11.58 -35.76 22.32
CA GLY A 128 -12.65 -35.27 21.46
C GLY A 128 -12.17 -34.71 20.15
N GLY A 129 -10.88 -34.88 19.85
CA GLY A 129 -10.29 -34.27 18.67
C GLY A 129 -9.98 -32.82 18.90
N ASN A 130 -8.76 -32.41 18.61
CA ASN A 130 -8.35 -31.01 18.67
C ASN A 130 -8.30 -30.48 17.24
N TYR A 131 -9.08 -29.42 16.97
CA TYR A 131 -9.21 -28.84 15.64
C TYR A 131 -8.66 -27.43 15.55
N ASN A 132 -7.95 -26.95 16.58
CA ASN A 132 -7.46 -25.58 16.59
C ASN A 132 -6.29 -25.36 15.63
N TYR A 133 -5.57 -26.40 15.26
CA TYR A 133 -4.43 -26.26 14.37
C TYR A 133 -4.91 -26.37 12.93
N LEU A 134 -4.51 -25.40 12.12
CA LEU A 134 -5.04 -25.28 10.78
C LEU A 134 -3.90 -25.30 9.78
N TYR A 135 -4.24 -25.62 8.53
CA TYR A 135 -3.31 -25.52 7.41
C TYR A 135 -4.07 -24.98 6.20
N ARG A 136 -3.33 -24.31 5.32
CA ARG A 136 -3.90 -23.85 4.06
C ARG A 136 -3.97 -25.00 3.07
N LEU A 137 -5.16 -25.26 2.52
CA LEU A 137 -5.40 -26.34 1.59
C LEU A 137 -5.52 -25.86 0.16
N PHE A 138 -5.68 -24.57 -0.08
CA PHE A 138 -5.91 -24.06 -1.42
C PHE A 138 -5.18 -22.74 -1.55
N ARG A 139 -4.58 -22.51 -2.71
CA ARG A 139 -3.89 -21.24 -2.95
C ARG A 139 -3.71 -21.06 -4.46
N LYS A 140 -3.72 -19.81 -4.90
CA LYS A 140 -3.67 -19.56 -6.34
C LYS A 140 -2.26 -19.74 -6.88
N SER A 141 -1.25 -19.59 -6.03
CA SER A 141 0.14 -19.82 -6.44
C SER A 141 0.89 -20.47 -5.27
N ASN A 142 2.04 -21.09 -5.57
CA ASN A 142 2.89 -21.59 -4.50
C ASN A 142 3.54 -20.44 -3.74
N LEU A 143 3.72 -20.63 -2.42
CA LEU A 143 4.49 -19.71 -1.61
C LEU A 143 5.90 -19.52 -2.14
N LYS A 144 6.38 -18.28 -2.08
CA LYS A 144 7.82 -18.04 -2.23
C LYS A 144 8.53 -18.42 -0.93
N PRO A 145 9.85 -18.61 -0.99
CA PRO A 145 10.57 -19.05 0.23
C PRO A 145 10.34 -18.08 1.37
N PHE A 146 9.96 -18.65 2.52
CA PHE A 146 9.72 -17.89 3.75
C PHE A 146 8.58 -16.88 3.62
N GLU A 147 7.77 -17.00 2.58
CA GLU A 147 6.54 -16.25 2.53
C GLU A 147 5.52 -16.81 3.53
N ARG A 148 4.70 -15.93 4.07
CA ARG A 148 3.72 -16.30 5.09
C ARG A 148 2.37 -15.73 4.69
N ASP A 149 1.41 -16.62 4.42
CA ASP A 149 0.06 -16.25 3.98
C ASP A 149 -0.92 -16.51 5.10
N ILE A 150 -1.48 -15.45 5.66
CA ILE A 150 -2.50 -15.58 6.68
C ILE A 150 -3.91 -15.23 6.17
N SER A 151 -4.09 -15.20 4.85
CA SER A 151 -5.35 -14.68 4.32
C SER A 151 -6.47 -15.71 4.47
N THR A 152 -7.69 -15.20 4.54
CA THR A 152 -8.88 -16.00 4.80
C THR A 152 -9.89 -15.92 3.68
N GLU A 153 -9.51 -15.41 2.51
CA GLU A 153 -10.50 -15.19 1.45
C GLU A 153 -10.95 -16.52 0.86
N ILE A 154 -12.24 -16.61 0.54
CA ILE A 154 -12.76 -17.79 -0.11
C ILE A 154 -12.00 -18.05 -1.39
N TYR A 155 -11.60 -19.28 -1.60
CA TYR A 155 -10.87 -19.66 -2.80
C TYR A 155 -11.81 -20.07 -3.93
N GLN A 156 -11.66 -19.45 -5.08
CA GLN A 156 -12.47 -19.73 -6.25
C GLN A 156 -11.83 -20.88 -7.02
N ALA A 157 -12.40 -22.07 -6.89
CA ALA A 157 -11.86 -23.24 -7.55
C ALA A 157 -12.34 -23.36 -8.97
N GLY A 158 -13.42 -22.67 -9.35
CA GLY A 158 -13.96 -22.75 -10.69
C GLY A 158 -14.04 -21.39 -11.39
N SER A 159 -14.88 -21.29 -12.43
CA SER A 159 -14.98 -20.03 -13.15
C SER A 159 -16.03 -19.08 -12.56
N THR A 160 -16.86 -19.57 -11.66
CA THR A 160 -17.84 -18.74 -10.98
C THR A 160 -17.17 -17.95 -9.86
N PRO A 161 -17.31 -16.63 -9.83
CA PRO A 161 -16.82 -15.89 -8.66
C PRO A 161 -17.59 -16.31 -7.42
N CYS A 162 -16.93 -16.17 -6.26
CA CYS A 162 -17.50 -16.64 -5.01
C CYS A 162 -18.23 -15.57 -4.21
N ASN A 163 -17.96 -14.29 -4.46
CA ASN A 163 -18.64 -13.21 -3.74
C ASN A 163 -18.47 -13.39 -2.23
N GLY A 164 -17.30 -13.85 -1.83
CA GLY A 164 -16.99 -14.00 -0.42
C GLY A 164 -17.80 -15.02 0.34
N VAL A 165 -18.59 -15.83 -0.34
CA VAL A 165 -19.42 -16.82 0.31
C VAL A 165 -18.95 -18.22 -0.09
N GLU A 166 -18.87 -19.11 0.90
CA GLU A 166 -18.56 -20.51 0.61
C GLU A 166 -19.71 -21.17 -0.14
N GLY A 167 -19.36 -22.17 -0.95
CA GLY A 167 -20.38 -22.82 -1.76
C GLY A 167 -19.73 -23.77 -2.73
N PHE A 168 -20.44 -24.08 -3.80
CA PHE A 168 -19.91 -25.02 -4.79
C PHE A 168 -18.68 -24.41 -5.50
N ASN A 169 -17.57 -25.10 -5.43
CA ASN A 169 -16.29 -24.64 -5.97
C ASN A 169 -15.83 -23.34 -5.32
N CYS A 170 -16.26 -23.10 -4.09
CA CYS A 170 -15.96 -21.86 -3.39
C CYS A 170 -15.64 -22.27 -1.96
N TYR A 171 -14.35 -22.41 -1.65
CA TYR A 171 -13.91 -23.07 -0.44
C TYR A 171 -13.24 -22.10 0.54
N PHE A 172 -13.53 -22.26 1.81
CA PHE A 172 -12.70 -21.66 2.82
C PHE A 172 -11.28 -22.22 2.72
N PRO A 173 -10.25 -21.39 2.71
CA PRO A 173 -8.93 -21.89 2.28
C PRO A 173 -8.17 -22.64 3.37
N LEU A 174 -8.57 -22.52 4.63
CA LEU A 174 -7.92 -23.17 5.75
C LEU A 174 -8.78 -24.32 6.23
N GLN A 175 -8.13 -25.39 6.65
CA GLN A 175 -8.80 -26.59 7.12
C GLN A 175 -8.12 -27.06 8.41
N SER A 176 -8.88 -27.69 9.28
CA SER A 176 -8.36 -28.16 10.56
C SER A 176 -7.74 -29.53 10.39
N TYR A 177 -6.69 -29.79 11.17
CA TYR A 177 -6.08 -31.12 11.20
C TYR A 177 -6.97 -32.15 11.89
N GLY A 178 -7.48 -31.82 13.06
CA GLY A 178 -8.24 -32.85 13.79
C GLY A 178 -7.39 -33.92 14.46
N PHE A 179 -6.69 -33.54 15.51
CA PHE A 179 -5.74 -34.44 16.17
C PHE A 179 -6.44 -35.10 17.35
N GLN A 180 -6.48 -36.43 17.34
CA GLN A 180 -6.89 -37.17 18.53
C GLN A 180 -5.86 -38.26 18.79
N PRO A 181 -5.58 -38.56 20.07
CA PRO A 181 -4.42 -39.42 20.36
C PRO A 181 -4.49 -40.78 19.71
N THR A 182 -5.69 -41.23 19.31
CA THR A 182 -5.85 -42.56 18.72
C THR A 182 -5.28 -42.64 17.31
N ASN A 183 -5.04 -41.51 16.65
CA ASN A 183 -4.68 -41.54 15.24
C ASN A 183 -3.36 -42.27 15.04
N GLY A 184 -3.18 -42.80 13.82
CA GLY A 184 -1.86 -43.28 13.43
C GLY A 184 -0.81 -42.18 13.44
N VAL A 185 0.45 -42.64 13.56
CA VAL A 185 1.60 -41.74 13.70
C VAL A 185 1.62 -40.68 12.59
N GLY A 186 1.34 -41.08 11.37
CA GLY A 186 1.34 -40.17 10.25
C GLY A 186 0.28 -39.10 10.35
N TYR A 187 -0.72 -39.30 11.22
CA TYR A 187 -1.74 -38.28 11.45
C TYR A 187 -1.68 -37.72 12.87
N GLN A 188 -0.61 -37.94 13.58
CA GLN A 188 -0.42 -37.34 14.89
C GLN A 188 0.29 -36.00 14.75
N PRO A 189 0.13 -35.11 15.73
CA PRO A 189 0.77 -33.79 15.64
C PRO A 189 2.27 -33.84 15.94
N TYR A 190 3.02 -33.07 15.16
CA TYR A 190 4.44 -32.88 15.38
C TYR A 190 4.73 -31.39 15.50
N ARG A 191 5.44 -31.01 16.56
CA ARG A 191 5.99 -29.67 16.64
C ARG A 191 7.29 -29.62 15.87
N VAL A 192 7.47 -28.51 15.13
CA VAL A 192 8.59 -28.32 14.24
C VAL A 192 9.25 -27.01 14.58
N VAL A 193 10.58 -27.02 14.61
CA VAL A 193 11.39 -25.80 14.69
C VAL A 193 12.41 -25.86 13.55
N VAL A 194 12.47 -24.81 12.77
CA VAL A 194 13.41 -24.69 11.68
C VAL A 194 14.38 -23.57 12.05
N LEU A 195 15.65 -23.89 12.21
CA LEU A 195 16.68 -22.90 12.52
C LEU A 195 17.34 -22.52 11.22
N SER A 196 17.25 -21.25 10.84
CA SER A 196 17.92 -20.72 9.66
C SER A 196 19.18 -20.01 10.11
N PHE A 197 20.32 -20.36 9.50
CA PHE A 197 21.60 -19.78 9.86
C PHE A 197 21.94 -18.76 8.79
N GLU A 198 22.00 -17.51 9.18
CA GLU A 198 22.35 -16.43 8.27
C GLU A 198 23.86 -16.18 8.37
N LEU A 199 24.54 -16.30 7.24
CA LEU A 199 25.96 -16.05 7.12
C LEU A 199 26.14 -14.91 6.15
N LEU A 200 26.19 -13.70 6.73
CA LEU A 200 26.56 -12.57 5.93
C LEU A 200 28.01 -12.26 6.25
N HIS A 201 28.61 -11.35 5.47
CA HIS A 201 30.00 -10.94 5.74
C HIS A 201 30.01 -9.61 6.50
N ALA A 202 29.38 -9.70 7.67
CA ALA A 202 29.30 -8.68 8.69
C ALA A 202 29.71 -9.33 10.00
N PRO A 203 29.82 -8.58 11.09
CA PRO A 203 30.17 -9.19 12.39
C PRO A 203 29.20 -10.30 12.77
N ALA A 204 29.74 -11.38 13.29
CA ALA A 204 28.91 -12.45 13.84
C ALA A 204 28.36 -12.04 15.20
N THR A 205 27.14 -12.48 15.49
CA THR A 205 26.54 -12.24 16.80
C THR A 205 26.02 -13.50 17.48
N VAL A 206 26.04 -14.65 16.81
CA VAL A 206 25.61 -15.90 17.41
C VAL A 206 26.70 -16.92 17.16
N CYS A 207 27.35 -17.36 18.23
CA CYS A 207 28.44 -18.31 18.18
C CYS A 207 28.22 -19.40 19.20
N GLY A 208 28.87 -20.54 18.98
CA GLY A 208 28.98 -21.56 19.99
C GLY A 208 30.04 -21.21 21.00
N PRO A 209 30.07 -21.99 22.11
CA PRO A 209 31.05 -21.72 23.16
C PRO A 209 32.52 -21.95 22.76
N GLU B 1 -10.34 -9.55 -2.32
CA GLU B 1 -8.98 -8.99 -2.13
C GLU B 1 -8.85 -8.51 -0.69
N VAL B 2 -7.64 -8.69 -0.12
CA VAL B 2 -7.36 -8.17 1.23
C VAL B 2 -7.45 -6.65 1.20
N GLN B 3 -8.13 -6.07 2.18
CA GLN B 3 -8.21 -4.62 2.25
C GLN B 3 -8.18 -4.16 3.70
N LEU B 4 -7.34 -3.18 3.98
CA LEU B 4 -7.32 -2.50 5.28
C LEU B 4 -8.14 -1.24 5.05
N GLN B 5 -9.31 -1.15 5.66
CA GLN B 5 -10.21 -0.02 5.44
C GLN B 5 -10.13 0.95 6.60
N GLN B 6 -9.66 2.18 6.34
CA GLN B 6 -9.48 3.18 7.37
C GLN B 6 -10.67 4.12 7.42
N SER B 7 -10.82 4.76 8.57
CA SER B 7 -11.85 5.76 8.71
C SER B 7 -11.48 7.03 7.94
N GLY B 8 -12.46 7.94 7.84
CA GLY B 8 -12.35 9.09 6.98
C GLY B 8 -11.43 10.18 7.54
N ALA B 9 -11.05 11.06 6.63
CA ALA B 9 -10.31 12.27 6.97
C ALA B 9 -11.01 13.04 8.09
N GLU B 10 -10.22 13.70 8.91
CA GLU B 10 -10.70 14.41 10.10
C GLU B 10 -10.09 15.80 10.18
N LEU B 11 -10.94 16.78 10.51
CA LEU B 11 -10.49 18.09 10.91
C LEU B 11 -10.43 18.09 12.45
N VAL B 12 -9.30 18.49 13.01
CA VAL B 12 -9.09 18.46 14.46
C VAL B 12 -8.59 19.81 14.94
N LYS B 13 -9.21 20.37 16.00
CA LYS B 13 -8.74 21.63 16.56
C LYS B 13 -7.39 21.48 17.25
N PRO B 14 -6.53 22.50 17.21
CA PRO B 14 -5.27 22.41 17.96
C PRO B 14 -5.54 22.11 19.42
N GLY B 15 -4.79 21.17 19.96
CA GLY B 15 -4.94 20.80 21.34
C GLY B 15 -5.91 19.67 21.58
N ALA B 16 -6.76 19.37 20.60
CA ALA B 16 -7.75 18.33 20.76
C ALA B 16 -7.15 16.96 20.41
N SER B 17 -7.96 15.94 20.50
CA SER B 17 -7.57 14.57 20.23
C SER B 17 -8.41 13.98 19.11
N VAL B 18 -7.96 12.84 18.57
CA VAL B 18 -8.66 12.15 17.49
C VAL B 18 -8.30 10.69 17.57
N LYS B 19 -9.23 9.84 17.13
CA LYS B 19 -9.01 8.41 17.09
C LYS B 19 -9.31 7.90 15.69
N LEU B 20 -8.33 7.28 15.07
CA LEU B 20 -8.46 6.70 13.75
C LEU B 20 -8.65 5.22 13.90
N SER B 21 -9.36 4.62 12.92
CA SER B 21 -9.62 3.19 12.92
C SER B 21 -9.18 2.59 11.58
N CYS B 22 -8.89 1.30 11.63
CA CYS B 22 -8.49 0.51 10.48
C CYS B 22 -9.11 -0.86 10.67
N THR B 23 -10.04 -1.24 9.79
CA THR B 23 -10.69 -2.54 9.87
C THR B 23 -10.18 -3.41 8.73
N THR B 24 -9.72 -4.61 9.07
CA THR B 24 -9.19 -5.55 8.11
C THR B 24 -10.24 -6.48 7.56
N SER B 25 -10.20 -6.67 6.25
CA SER B 25 -10.98 -7.69 5.56
C SER B 25 -10.03 -8.59 4.79
N GLY B 26 -10.12 -9.92 5.01
CA GLY B 26 -9.28 -10.87 4.30
C GLY B 26 -8.22 -11.58 5.12
N PHE B 27 -7.98 -11.18 6.38
CA PHE B 27 -7.19 -11.94 7.33
C PHE B 27 -7.58 -11.48 8.73
N ASN B 28 -7.21 -12.26 9.73
CA ASN B 28 -7.44 -11.92 11.13
C ASN B 28 -6.22 -11.22 11.74
N ILE B 29 -6.46 -10.04 12.33
CA ILE B 29 -5.30 -9.29 12.81
C ILE B 29 -4.59 -10.05 13.93
N ILE B 30 -5.24 -11.04 14.54
CA ILE B 30 -4.59 -11.71 15.64
C ILE B 30 -3.40 -12.51 15.15
N ASP B 31 -3.30 -12.76 13.85
CA ASP B 31 -2.20 -13.52 13.27
C ASP B 31 -0.99 -12.66 12.91
N THR B 32 -1.01 -11.36 13.20
CA THR B 32 0.14 -10.52 12.85
C THR B 32 0.24 -9.34 13.80
N TYR B 33 1.09 -8.36 13.45
CA TYR B 33 1.15 -7.09 14.16
C TYR B 33 0.48 -6.05 13.28
N MET B 34 -0.16 -5.06 13.90
CA MET B 34 -0.72 -3.94 13.16
C MET B 34 0.11 -2.71 13.53
N HIS B 35 0.53 -1.98 12.50
CA HIS B 35 1.36 -0.80 12.67
C HIS B 35 0.67 0.45 12.12
N TRP B 36 1.12 1.62 12.61
CA TRP B 36 0.66 2.91 12.08
C TRP B 36 1.88 3.69 11.61
N VAL B 37 1.74 4.36 10.49
CA VAL B 37 2.82 5.10 9.88
C VAL B 37 2.28 6.46 9.48
N LYS B 38 3.08 7.48 9.66
CA LYS B 38 2.76 8.86 9.34
C LYS B 38 3.48 9.26 8.07
N GLN B 39 2.82 10.05 7.20
CA GLN B 39 3.48 10.58 6.02
C GLN B 39 3.18 12.05 5.88
N ARG B 40 4.20 12.85 5.64
CA ARG B 40 4.10 14.23 5.25
C ARG B 40 4.97 14.49 4.03
N PRO B 41 4.63 15.53 3.27
CA PRO B 41 5.36 15.79 2.02
C PRO B 41 6.86 15.95 2.22
N GLU B 42 7.28 16.72 3.22
CA GLU B 42 8.69 17.04 3.35
C GLU B 42 9.41 16.08 4.30
N GLU B 43 8.74 15.65 5.37
CA GLU B 43 9.38 14.77 6.35
C GLU B 43 9.31 13.29 5.96
N GLY B 44 8.49 12.91 4.99
CA GLY B 44 8.51 11.53 4.53
C GLY B 44 7.69 10.62 5.42
N LEU B 45 8.00 9.32 5.32
CA LEU B 45 7.30 8.27 6.04
C LEU B 45 7.98 8.03 7.37
N GLU B 46 7.20 7.95 8.43
CA GLU B 46 7.72 7.77 9.78
C GLU B 46 6.89 6.72 10.50
N TRP B 47 7.53 5.71 11.05
CA TRP B 47 6.82 4.71 11.83
C TRP B 47 6.43 5.29 13.17
N ILE B 48 5.19 5.10 13.57
CA ILE B 48 4.70 5.60 14.84
C ILE B 48 4.82 4.53 15.93
N GLY B 49 4.27 3.35 15.65
CA GLY B 49 4.25 2.26 16.61
C GLY B 49 3.45 1.10 16.04
N GLY B 50 3.34 0.06 16.85
CA GLY B 50 2.63 -1.11 16.40
C GLY B 50 2.15 -1.89 17.59
N ILE B 51 1.23 -2.81 17.34
CA ILE B 51 0.59 -3.54 18.42
C ILE B 51 0.58 -5.03 18.12
N ASP B 52 0.62 -5.83 19.18
CA ASP B 52 0.49 -7.29 19.17
C ASP B 52 -0.93 -7.61 19.59
N PRO B 53 -1.85 -7.87 18.65
CA PRO B 53 -3.26 -8.01 19.02
C PRO B 53 -3.54 -9.20 19.88
N VAL B 54 -2.61 -10.14 20.01
CA VAL B 54 -2.86 -11.32 20.84
C VAL B 54 -2.85 -10.92 22.32
N ASN B 55 -1.88 -10.11 22.72
CA ASN B 55 -1.64 -9.78 24.12
C ASN B 55 -1.91 -8.33 24.43
N GLY B 56 -2.14 -7.49 23.44
CA GLY B 56 -2.39 -6.08 23.67
C GLY B 56 -1.18 -5.21 23.79
N ASN B 57 0.01 -5.79 23.77
CA ASN B 57 1.25 -5.03 23.92
C ASN B 57 1.49 -4.16 22.69
N SER B 58 1.66 -2.85 22.92
CA SER B 58 2.03 -1.92 21.85
C SER B 58 3.42 -1.36 22.13
N GLU B 59 4.13 -0.94 21.08
CA GLU B 59 5.44 -0.33 21.22
C GLU B 59 5.51 0.83 20.22
N TYR B 60 6.27 1.85 20.58
CA TYR B 60 6.26 3.11 19.85
C TYR B 60 7.68 3.60 19.61
N ASP B 61 7.82 4.38 18.55
CA ASP B 61 9.00 5.20 18.40
C ASP B 61 8.95 6.23 19.52
N PRO B 62 10.05 6.45 20.25
CA PRO B 62 9.98 7.37 21.40
C PRO B 62 9.48 8.76 21.08
N LYS B 63 9.64 9.21 19.85
CA LYS B 63 9.12 10.51 19.46
C LYS B 63 7.61 10.55 19.52
N PHE B 64 6.92 9.40 19.55
CA PHE B 64 5.47 9.38 19.49
C PHE B 64 4.83 8.82 20.76
N GLN B 65 5.63 8.34 21.72
CA GLN B 65 5.03 7.56 22.80
C GLN B 65 4.12 8.41 23.68
N ASP B 66 4.38 9.70 23.84
CA ASP B 66 3.55 10.50 24.73
C ASP B 66 2.24 10.94 24.09
N LYS B 67 2.15 10.99 22.78
CA LYS B 67 0.94 11.41 22.09
C LYS B 67 0.20 10.36 21.25
N ALA B 68 0.77 9.20 21.02
CA ALA B 68 0.10 8.16 20.24
C ALA B 68 -0.24 6.99 21.16
N THR B 69 -1.42 6.44 20.97
CA THR B 69 -1.81 5.20 21.62
C THR B 69 -2.50 4.29 20.60
N ILE B 70 -1.96 3.09 20.46
CA ILE B 70 -2.45 2.12 19.49
C ILE B 70 -3.18 1.04 20.28
N THR B 71 -4.41 0.73 19.86
CA THR B 71 -5.17 -0.35 20.47
C THR B 71 -5.74 -1.24 19.37
N ALA B 72 -6.26 -2.39 19.79
CA ALA B 72 -6.84 -3.29 18.81
C ALA B 72 -8.01 -4.05 19.41
N ASP B 73 -8.96 -4.40 18.54
CA ASP B 73 -10.11 -5.23 18.90
C ASP B 73 -10.15 -6.43 17.96
N THR B 74 -9.79 -7.62 18.47
CA THR B 74 -9.68 -8.75 17.58
C THR B 74 -11.04 -9.24 17.16
N SER B 75 -12.06 -9.02 17.99
CA SER B 75 -13.39 -9.52 17.65
C SER B 75 -14.01 -8.77 16.46
N SER B 76 -13.69 -7.52 16.29
CA SER B 76 -14.11 -6.78 15.10
C SER B 76 -12.96 -6.59 14.10
N ASN B 77 -11.78 -7.16 14.36
CA ASN B 77 -10.65 -7.08 13.43
C ASN B 77 -10.23 -5.63 13.13
N THR B 78 -10.21 -4.80 14.15
CA THR B 78 -9.97 -3.38 13.99
C THR B 78 -8.81 -2.94 14.84
N ALA B 79 -7.94 -2.11 14.26
CA ALA B 79 -6.87 -1.45 14.99
C ALA B 79 -7.16 0.04 15.07
N TYR B 80 -6.72 0.67 16.15
CA TYR B 80 -7.00 2.08 16.39
C TYR B 80 -5.73 2.84 16.69
N LEU B 81 -5.72 4.10 16.26
CA LEU B 81 -4.65 5.03 16.59
C LEU B 81 -5.28 6.25 17.25
N HIS B 82 -4.94 6.50 18.51
CA HIS B 82 -5.35 7.68 19.25
C HIS B 82 -4.19 8.67 19.31
N LEU B 83 -4.43 9.88 18.85
CA LEU B 83 -3.47 10.97 18.92
C LEU B 83 -4.01 12.06 19.83
N SER B 84 -3.19 12.57 20.73
CA SER B 84 -3.67 13.56 21.68
C SER B 84 -2.92 14.88 21.51
N ARG B 85 -3.59 15.95 21.97
CA ARG B 85 -3.06 17.31 22.01
C ARG B 85 -2.37 17.69 20.70
N LEU B 86 -3.14 17.61 19.62
CA LEU B 86 -2.57 17.78 18.30
C LEU B 86 -2.07 19.21 18.03
N THR B 87 -1.00 19.27 17.25
CA THR B 87 -0.41 20.51 16.79
C THR B 87 -0.31 20.43 15.26
N SER B 88 0.16 21.52 14.64
CA SER B 88 0.23 21.52 13.18
C SER B 88 1.20 20.46 12.68
N GLU B 89 2.14 20.02 13.51
CA GLU B 89 3.08 18.98 13.11
C GLU B 89 2.39 17.64 12.99
N ASP B 90 1.16 17.50 13.49
CA ASP B 90 0.40 16.27 13.39
C ASP B 90 -0.47 16.25 12.16
N THR B 91 -0.57 17.34 11.41
CA THR B 91 -1.22 17.30 10.10
C THR B 91 -0.45 16.37 9.16
N ALA B 92 -1.09 15.30 8.71
CA ALA B 92 -0.39 14.28 7.94
C ALA B 92 -1.38 13.24 7.49
N VAL B 93 -0.94 12.37 6.59
CA VAL B 93 -1.69 11.18 6.25
C VAL B 93 -1.22 10.07 7.18
N TYR B 94 -2.15 9.36 7.81
CA TYR B 94 -1.80 8.29 8.72
C TYR B 94 -2.24 7.00 8.03
N TYR B 95 -1.35 6.04 7.96
CA TYR B 95 -1.65 4.73 7.41
C TYR B 95 -1.59 3.66 8.48
N CYS B 96 -2.52 2.72 8.41
CA CYS B 96 -2.44 1.41 9.06
C CYS B 96 -1.76 0.42 8.13
N ALA B 97 -0.97 -0.48 8.71
CA ALA B 97 -0.33 -1.52 7.93
C ALA B 97 -0.17 -2.78 8.77
N SER B 98 -0.18 -3.92 8.11
CA SER B 98 0.03 -5.20 8.77
C SER B 98 1.45 -5.71 8.52
N ALA B 99 1.90 -6.60 9.38
CA ALA B 99 3.24 -7.14 9.26
C ALA B 99 3.19 -8.52 8.58
N HIS B 100 4.33 -8.92 8.05
CA HIS B 100 4.48 -10.18 7.36
C HIS B 100 4.56 -11.32 8.35
N TYR B 101 5.44 -11.22 9.35
CA TYR B 101 5.73 -12.28 10.29
C TYR B 101 5.16 -11.98 11.66
N TYR B 102 5.03 -13.02 12.49
CA TYR B 102 4.66 -12.89 13.89
C TYR B 102 5.75 -13.56 14.72
N GLY B 103 6.23 -12.82 15.74
CA GLY B 103 7.31 -13.27 16.61
C GLY B 103 8.57 -12.43 16.49
N SER B 104 8.69 -11.67 15.41
CA SER B 104 9.84 -10.83 15.15
C SER B 104 9.40 -9.79 14.14
N SER B 105 10.26 -8.80 13.91
CA SER B 105 9.94 -7.71 12.99
C SER B 105 10.02 -8.18 11.56
N SER B 106 9.27 -7.52 10.69
CA SER B 106 9.27 -7.87 9.28
C SER B 106 8.74 -6.67 8.50
N SER B 107 8.66 -6.83 7.18
CA SER B 107 8.09 -5.84 6.29
C SER B 107 6.58 -5.75 6.49
N PHE B 108 5.97 -4.76 5.80
CA PHE B 108 4.54 -4.52 5.91
C PHE B 108 3.79 -4.87 4.63
N PRO B 109 3.20 -6.09 4.51
CA PRO B 109 2.64 -6.51 3.20
C PRO B 109 1.39 -5.79 2.76
N TYR B 110 0.58 -5.30 3.69
CA TYR B 110 -0.70 -4.67 3.37
C TYR B 110 -0.82 -3.33 4.07
N TRP B 111 -1.36 -2.32 3.35
CA TRP B 111 -1.51 -0.96 3.86
C TRP B 111 -2.95 -0.52 3.63
N GLY B 112 -3.49 0.24 4.56
CA GLY B 112 -4.77 0.89 4.35
C GLY B 112 -4.64 2.05 3.39
N GLN B 113 -5.78 2.62 3.05
CA GLN B 113 -5.78 3.69 2.05
C GLN B 113 -5.33 5.03 2.61
N GLY B 114 -5.12 5.15 3.92
CA GLY B 114 -4.63 6.40 4.46
C GLY B 114 -5.76 7.29 4.95
N THR B 115 -5.47 8.05 5.99
CA THR B 115 -6.42 9.01 6.55
C THR B 115 -5.71 10.35 6.74
N ASP B 116 -6.22 11.40 6.08
CA ASP B 116 -5.65 12.74 6.21
C ASP B 116 -6.23 13.36 7.47
N LEU B 117 -5.35 13.73 8.35
CA LEU B 117 -5.69 14.50 9.51
C LEU B 117 -5.21 15.92 9.28
N VAL B 118 -6.12 16.88 9.40
CA VAL B 118 -5.79 18.30 9.36
C VAL B 118 -6.04 18.96 10.72
N THR B 119 -5.01 19.63 11.28
CA THR B 119 -5.10 20.32 12.55
C THR B 119 -5.23 21.80 12.21
N VAL B 120 -6.38 22.39 12.56
CA VAL B 120 -6.61 23.81 12.30
C VAL B 120 -7.77 24.30 13.20
N SER B 121 -7.77 25.59 13.42
CA SER B 121 -8.86 26.22 14.13
C SER B 121 -10.00 26.64 13.22
N ALA B 122 -9.82 26.58 11.91
CA ALA B 122 -10.87 26.92 10.98
C ALA B 122 -11.97 25.86 11.04
N LYS B 123 -13.18 26.26 10.69
CA LYS B 123 -14.27 25.30 10.63
C LYS B 123 -14.29 24.57 9.29
N THR B 124 -15.01 23.45 9.26
CA THR B 124 -15.17 22.73 8.01
C THR B 124 -16.08 23.54 7.11
N THR B 125 -15.77 23.54 5.82
CA THR B 125 -16.63 24.11 4.78
C THR B 125 -16.83 23.03 3.72
N PRO B 126 -18.05 22.54 3.52
CA PRO B 126 -18.29 21.55 2.44
C PRO B 126 -18.15 22.21 1.07
N PRO B 127 -17.86 21.43 0.03
CA PRO B 127 -17.75 22.04 -1.30
C PRO B 127 -19.10 22.38 -1.92
N SER B 128 -19.06 23.37 -2.82
CA SER B 128 -20.07 23.51 -3.85
C SER B 128 -19.59 22.75 -5.09
N VAL B 129 -20.47 21.97 -5.68
CA VAL B 129 -20.11 21.14 -6.83
C VAL B 129 -20.88 21.65 -8.04
N TYR B 130 -20.17 22.06 -9.09
CA TYR B 130 -20.82 22.60 -10.26
C TYR B 130 -20.55 21.75 -11.50
N PRO B 131 -21.56 21.51 -12.32
CA PRO B 131 -21.34 20.71 -13.53
C PRO B 131 -20.63 21.53 -14.59
N LEU B 132 -19.79 20.85 -15.37
CA LEU B 132 -19.09 21.45 -16.50
C LEU B 132 -19.61 20.76 -17.75
N ALA B 133 -20.50 21.43 -18.47
CA ALA B 133 -21.10 20.88 -19.69
C ALA B 133 -20.55 21.61 -20.91
N PRO B 134 -20.40 20.91 -22.03
CA PRO B 134 -20.17 21.62 -23.30
C PRO B 134 -21.11 22.82 -23.47
N GLY B 135 -20.57 24.05 -23.51
CA GLY B 135 -19.14 24.29 -23.64
C GLY B 135 -18.73 23.96 -25.06
N SER B 136 -18.52 24.98 -25.89
CA SER B 136 -18.51 24.79 -27.34
C SER B 136 -17.19 24.19 -27.82
N ALA B 137 -16.88 23.01 -27.28
CA ALA B 137 -16.15 21.98 -28.01
C ALA B 137 -17.23 21.15 -28.71
N ALA B 138 -17.70 21.67 -29.83
CA ALA B 138 -18.86 21.08 -30.51
C ALA B 138 -18.46 19.83 -31.29
N GLN B 139 -19.37 18.85 -31.33
CA GLN B 139 -19.23 17.75 -32.27
C GLN B 139 -18.80 18.29 -33.63
N THR B 140 -18.02 17.51 -34.37
CA THR B 140 -17.94 16.08 -34.18
C THR B 140 -16.64 15.41 -33.85
N ASN B 141 -16.46 15.35 -32.55
CA ASN B 141 -15.60 14.41 -31.90
C ASN B 141 -16.36 13.11 -31.79
N SER B 142 -15.61 12.00 -31.94
CA SER B 142 -16.12 10.73 -31.47
C SER B 142 -16.26 10.74 -29.97
N MET B 143 -15.50 11.62 -29.31
CA MET B 143 -15.38 11.70 -27.87
C MET B 143 -16.01 13.01 -27.39
N VAL B 144 -16.53 13.01 -26.18
CA VAL B 144 -16.94 14.26 -25.55
C VAL B 144 -16.44 14.29 -24.11
N THR B 145 -16.00 15.46 -23.67
CA THR B 145 -15.40 15.63 -22.36
C THR B 145 -16.32 16.47 -21.49
N LEU B 146 -16.62 15.97 -20.31
CA LEU B 146 -17.39 16.68 -19.30
C LEU B 146 -16.55 16.82 -18.05
N GLY B 147 -17.04 17.59 -17.08
CA GLY B 147 -16.30 17.76 -15.84
C GLY B 147 -17.19 18.21 -14.70
N CYS B 148 -16.58 18.25 -13.52
CA CYS B 148 -17.20 18.76 -12.31
C CYS B 148 -16.22 19.69 -11.64
N LEU B 149 -16.71 20.83 -11.15
CA LEU B 149 -15.91 21.79 -10.42
C LEU B 149 -16.31 21.69 -8.95
N VAL B 150 -15.34 21.36 -8.10
CA VAL B 150 -15.57 21.14 -6.68
C VAL B 150 -14.90 22.30 -5.96
N LYS B 151 -15.68 23.30 -5.58
CA LYS B 151 -15.17 24.61 -5.23
C LYS B 151 -15.40 24.98 -3.76
N GLY B 152 -14.35 25.51 -3.15
CA GLY B 152 -14.48 26.22 -1.88
C GLY B 152 -14.70 25.33 -0.65
N TYR B 153 -13.91 24.27 -0.53
CA TYR B 153 -14.07 23.36 0.60
C TYR B 153 -12.84 23.41 1.51
N PHE B 154 -13.03 23.00 2.75
CA PHE B 154 -11.92 22.90 3.68
C PHE B 154 -12.32 21.91 4.76
N PRO B 155 -11.41 21.05 5.21
CA PRO B 155 -10.08 20.83 4.68
C PRO B 155 -10.06 19.82 3.51
N GLU B 156 -8.89 19.46 3.01
CA GLU B 156 -8.78 18.30 2.14
C GLU B 156 -9.11 17.01 2.90
N PRO B 157 -9.37 15.91 2.20
CA PRO B 157 -9.59 15.82 0.77
C PRO B 157 -11.05 15.79 0.38
N VAL B 158 -11.30 15.82 -0.93
CA VAL B 158 -12.57 15.39 -1.52
C VAL B 158 -12.25 14.19 -2.41
N THR B 159 -13.21 13.29 -2.59
CA THR B 159 -13.08 12.19 -3.52
C THR B 159 -14.08 12.46 -4.62
N VAL B 160 -13.71 12.15 -5.84
CA VAL B 160 -14.57 12.33 -7.01
C VAL B 160 -14.60 11.02 -7.76
N THR B 161 -15.80 10.52 -8.03
CA THR B 161 -15.97 9.38 -8.90
C THR B 161 -17.05 9.75 -9.92
N TRP B 162 -17.10 8.98 -10.99
CA TRP B 162 -18.02 9.22 -12.09
C TRP B 162 -18.86 7.98 -12.30
N ASN B 163 -20.19 8.16 -12.35
CA ASN B 163 -21.14 7.06 -12.36
C ASN B 163 -20.72 5.98 -11.35
N SER B 164 -20.49 6.43 -10.12
CA SER B 164 -20.17 5.51 -9.02
C SER B 164 -18.96 4.64 -9.35
N GLY B 165 -18.02 5.20 -10.12
CA GLY B 165 -16.79 4.51 -10.44
C GLY B 165 -16.81 3.69 -11.70
N SER B 166 -17.99 3.43 -12.28
CA SER B 166 -18.07 2.62 -13.48
C SER B 166 -17.40 3.28 -14.66
N LEU B 167 -17.24 4.59 -14.65
CA LEU B 167 -16.42 5.28 -15.64
C LEU B 167 -15.13 5.67 -14.93
N SER B 168 -14.16 4.76 -14.91
CA SER B 168 -12.84 5.03 -14.36
C SER B 168 -11.83 5.36 -15.45
N SER B 169 -11.90 4.70 -16.60
CA SER B 169 -11.09 5.08 -17.74
C SER B 169 -11.49 6.47 -18.21
N GLY B 170 -10.51 7.22 -18.66
CA GLY B 170 -10.85 8.54 -19.17
C GLY B 170 -11.22 9.56 -18.13
N VAL B 171 -10.90 9.32 -16.87
CA VAL B 171 -11.11 10.29 -15.80
C VAL B 171 -9.76 10.91 -15.44
N HIS B 172 -9.74 12.24 -15.31
CA HIS B 172 -8.60 12.96 -14.73
C HIS B 172 -9.13 13.84 -13.62
N THR B 173 -8.65 13.64 -12.41
CA THR B 173 -8.98 14.53 -11.31
C THR B 173 -7.74 15.33 -10.98
N PHE B 174 -7.87 16.60 -10.97
CA PHE B 174 -6.71 17.46 -10.85
C PHE B 174 -6.46 17.84 -9.40
N PRO B 175 -5.20 18.00 -9.02
CA PRO B 175 -4.91 18.42 -7.63
C PRO B 175 -5.64 19.70 -7.28
N ALA B 176 -6.04 19.79 -6.03
CA ALA B 176 -6.69 21.00 -5.54
C ALA B 176 -5.67 22.14 -5.47
N VAL B 177 -6.18 23.36 -5.60
CA VAL B 177 -5.40 24.55 -5.34
C VAL B 177 -6.05 25.31 -4.19
N LEU B 178 -5.23 25.91 -3.35
CA LEU B 178 -5.68 26.63 -2.17
C LEU B 178 -5.65 28.11 -2.45
N GLN B 179 -6.76 28.78 -2.21
CA GLN B 179 -6.85 30.23 -2.36
C GLN B 179 -7.77 30.79 -1.30
N SER B 180 -7.29 31.78 -0.56
CA SER B 180 -8.03 32.41 0.53
C SER B 180 -8.67 31.35 1.43
N ASP B 181 -7.84 30.42 1.89
CA ASP B 181 -8.17 29.44 2.92
C ASP B 181 -9.20 28.39 2.48
N LEU B 182 -9.48 28.26 1.20
CA LEU B 182 -10.40 27.26 0.71
C LEU B 182 -9.80 26.57 -0.51
N TYR B 183 -10.12 25.29 -0.67
CA TYR B 183 -9.60 24.51 -1.78
C TYR B 183 -10.61 24.45 -2.92
N THR B 184 -10.09 24.35 -4.14
CA THR B 184 -10.90 24.07 -5.30
C THR B 184 -10.24 23.02 -6.16
N LEU B 185 -11.00 22.05 -6.63
CA LEU B 185 -10.41 21.20 -7.66
C LEU B 185 -11.42 20.92 -8.77
N SER B 186 -10.91 20.32 -9.84
CA SER B 186 -11.69 19.96 -11.02
C SER B 186 -11.48 18.49 -11.31
N SER B 187 -12.45 17.89 -11.96
CA SER B 187 -12.36 16.52 -12.45
C SER B 187 -12.97 16.49 -13.85
N SER B 188 -12.31 15.81 -14.78
CA SER B 188 -12.77 15.65 -16.14
C SER B 188 -13.04 14.17 -16.43
N VAL B 189 -14.02 13.92 -17.29
CA VAL B 189 -14.29 12.58 -17.78
C VAL B 189 -14.57 12.67 -19.27
N THR B 190 -14.02 11.73 -20.03
CA THR B 190 -14.17 11.67 -21.47
C THR B 190 -14.90 10.39 -21.82
N VAL B 191 -16.00 10.53 -22.55
CA VAL B 191 -16.82 9.40 -22.95
C VAL B 191 -17.16 9.60 -24.45
N PRO B 192 -17.50 8.52 -25.13
CA PRO B 192 -17.92 8.66 -26.52
C PRO B 192 -19.15 9.55 -26.63
N SER B 193 -19.27 10.26 -27.75
CA SER B 193 -20.44 11.11 -27.93
C SER B 193 -21.72 10.33 -28.12
N SER B 194 -21.65 9.01 -28.36
CA SER B 194 -22.86 8.21 -28.39
C SER B 194 -23.49 8.08 -27.01
N PRO B 195 -22.74 7.84 -25.93
CA PRO B 195 -23.38 7.76 -24.60
C PRO B 195 -23.95 9.06 -24.05
N TRP B 196 -23.32 10.20 -24.32
CA TRP B 196 -23.81 11.40 -23.66
C TRP B 196 -24.30 12.42 -24.69
N PRO B 197 -25.46 13.06 -24.47
CA PRO B 197 -26.33 12.93 -23.27
C PRO B 197 -27.32 11.77 -23.36
N SER B 198 -27.14 10.91 -24.35
CA SER B 198 -27.99 9.72 -24.50
C SER B 198 -28.11 8.98 -23.16
N GLU B 199 -26.99 8.75 -22.48
CA GLU B 199 -26.94 8.08 -21.20
C GLU B 199 -26.45 9.08 -20.14
N THR B 200 -26.80 8.83 -18.90
CA THR B 200 -26.50 9.78 -17.83
C THR B 200 -25.05 9.68 -17.36
N VAL B 201 -24.46 10.84 -17.12
CA VAL B 201 -23.13 10.91 -16.51
C VAL B 201 -23.23 11.83 -15.30
N THR B 202 -22.76 11.34 -14.15
CA THR B 202 -22.88 12.02 -12.88
C THR B 202 -21.54 11.93 -12.15
N CYS B 203 -21.13 13.03 -11.56
CA CYS B 203 -19.97 13.01 -10.68
C CYS B 203 -20.44 12.88 -9.24
N ASN B 204 -19.78 12.00 -8.49
CA ASN B 204 -20.06 11.72 -7.09
C ASN B 204 -18.92 12.28 -6.25
N VAL B 205 -19.22 13.28 -5.45
CA VAL B 205 -18.22 13.94 -4.60
C VAL B 205 -18.49 13.62 -3.13
N ALA B 206 -17.43 13.34 -2.40
CA ALA B 206 -17.53 13.12 -0.96
C ALA B 206 -16.52 14.05 -0.31
N HIS B 207 -16.90 14.62 0.82
CA HIS B 207 -16.00 15.47 1.61
C HIS B 207 -15.98 14.91 3.01
N PRO B 208 -15.11 13.94 3.29
CA PRO B 208 -15.25 13.16 4.53
C PRO B 208 -15.14 14.02 5.80
N ALA B 209 -14.34 15.09 5.80
CA ALA B 209 -14.18 15.84 7.04
C ALA B 209 -15.46 16.58 7.45
N SER B 210 -16.38 16.88 6.52
CA SER B 210 -17.66 17.46 6.90
C SER B 210 -18.78 16.43 6.86
N SER B 211 -18.49 15.18 6.54
CA SER B 211 -19.52 14.16 6.42
C SER B 211 -20.63 14.58 5.46
N THR B 212 -20.23 15.04 4.27
CA THR B 212 -21.18 15.45 3.24
C THR B 212 -20.84 14.75 1.95
N LYS B 213 -21.86 14.58 1.11
CA LYS B 213 -21.69 14.08 -0.24
C LYS B 213 -22.58 14.89 -1.18
N VAL B 214 -22.27 14.83 -2.48
CA VAL B 214 -23.09 15.44 -3.51
C VAL B 214 -22.95 14.62 -4.79
N ASP B 215 -24.08 14.32 -5.43
CA ASP B 215 -24.10 13.87 -6.82
C ASP B 215 -24.53 15.02 -7.73
N LYS B 216 -23.83 15.21 -8.86
CA LYS B 216 -24.23 16.24 -9.83
C LYS B 216 -24.28 15.61 -11.21
N LYS B 217 -25.48 15.51 -11.77
CA LYS B 217 -25.68 15.03 -13.12
C LYS B 217 -25.25 16.12 -14.08
N ILE B 218 -24.53 15.72 -15.13
CA ILE B 218 -24.13 16.66 -16.16
C ILE B 218 -25.20 16.61 -17.26
N VAL B 219 -25.94 17.71 -17.42
CA VAL B 219 -27.01 17.76 -18.43
C VAL B 219 -26.64 18.77 -19.53
N PRO B 220 -27.03 18.53 -20.77
CA PRO B 220 -26.73 19.51 -21.83
C PRO B 220 -27.25 20.89 -21.45
N ARG B 221 -26.50 21.92 -21.85
CA ARG B 221 -26.87 23.28 -21.52
C ARG B 221 -28.07 23.71 -22.34
N GLY B 222 -29.06 24.30 -21.66
CA GLY B 222 -30.24 24.84 -22.30
C GLY B 222 -30.80 24.04 -23.44
N ASP C 1 19.12 5.76 15.70
CA ASP C 1 18.36 5.83 14.43
C ASP C 1 19.18 5.27 13.28
N ILE C 2 18.59 4.38 12.50
CA ILE C 2 19.19 3.95 11.24
C ILE C 2 18.56 4.77 10.13
N VAL C 3 19.36 5.49 9.37
CA VAL C 3 18.88 6.33 8.28
C VAL C 3 19.05 5.57 6.97
N MET C 4 17.99 5.53 6.18
CA MET C 4 18.00 4.96 4.84
C MET C 4 18.05 6.11 3.86
N THR C 5 19.09 6.17 3.04
CA THR C 5 19.29 7.28 2.11
C THR C 5 19.01 6.82 0.67
N GLN C 6 18.10 7.47 0.01
CA GLN C 6 17.89 7.32 -1.42
C GLN C 6 18.35 8.63 -2.06
N SER C 7 19.54 8.59 -2.69
CA SER C 7 20.15 9.79 -3.24
C SER C 7 19.42 10.27 -4.49
N GLN C 8 18.70 9.40 -5.16
CA GLN C 8 18.01 9.76 -6.40
C GLN C 8 16.62 10.22 -6.02
N LYS C 9 16.32 11.48 -6.32
CA LYS C 9 14.96 11.97 -6.08
C LYS C 9 14.07 11.59 -7.26
N PHE C 10 14.60 11.60 -8.45
CA PHE C 10 13.84 11.29 -9.65
C PHE C 10 14.73 10.41 -10.51
N MET C 11 14.11 9.53 -11.26
CA MET C 11 14.78 8.82 -12.34
C MET C 11 13.82 8.72 -13.52
N SER C 12 14.41 8.73 -14.70
CA SER C 12 13.67 8.72 -15.95
C SER C 12 14.03 7.46 -16.72
N THR C 13 13.05 6.95 -17.46
CA THR C 13 13.28 5.79 -18.29
C THR C 13 12.17 5.75 -19.34
N SER C 14 12.26 4.80 -20.25
CA SER C 14 11.28 4.59 -21.29
C SER C 14 10.53 3.30 -21.02
N VAL C 15 9.33 3.20 -21.60
CA VAL C 15 8.59 1.95 -21.55
C VAL C 15 9.44 0.87 -22.19
N GLY C 16 9.62 -0.25 -21.50
CA GLY C 16 10.43 -1.35 -22.00
C GLY C 16 11.86 -1.33 -21.50
N ASP C 17 12.33 -0.21 -20.98
CA ASP C 17 13.71 -0.11 -20.53
C ASP C 17 13.76 -0.60 -19.09
N ARG C 18 14.91 -0.42 -18.44
CA ARG C 18 15.11 -0.85 -17.06
C ARG C 18 15.77 0.27 -16.28
N VAL C 19 15.53 0.28 -14.99
CA VAL C 19 16.03 1.29 -14.08
C VAL C 19 16.36 0.60 -12.77
N SER C 20 17.33 1.16 -12.05
CA SER C 20 17.77 0.66 -10.75
C SER C 20 17.73 1.78 -9.72
N VAL C 21 17.02 1.57 -8.63
CA VAL C 21 16.87 2.56 -7.56
C VAL C 21 17.77 2.12 -6.43
N THR C 22 18.51 3.07 -5.85
CA THR C 22 19.53 2.79 -4.86
C THR C 22 19.08 3.27 -3.49
N CYS C 23 19.53 2.55 -2.48
CA CYS C 23 19.24 2.84 -1.10
C CYS C 23 20.48 2.48 -0.30
N LYS C 24 20.89 3.36 0.59
CA LYS C 24 22.03 3.13 1.46
C LYS C 24 21.60 3.27 2.90
N ALA C 25 21.88 2.24 3.70
CA ALA C 25 21.64 2.30 5.13
C ALA C 25 22.88 2.87 5.83
N SER C 26 22.64 3.66 6.89
CA SER C 26 23.72 4.26 7.66
C SER C 26 24.39 3.27 8.59
N GLN C 27 23.75 2.14 8.88
CA GLN C 27 24.36 1.04 9.59
C GLN C 27 24.08 -0.25 8.83
N ASN C 28 24.86 -1.29 9.12
CA ASN C 28 24.54 -2.61 8.59
C ASN C 28 23.15 -3.06 9.05
N VAL C 29 22.30 -3.42 8.08
CA VAL C 29 20.97 -3.95 8.35
C VAL C 29 20.81 -5.38 7.84
N GLY C 30 21.89 -6.01 7.39
CA GLY C 30 21.82 -7.36 6.84
C GLY C 30 20.89 -7.43 5.63
N THR C 31 19.83 -8.22 5.76
CA THR C 31 18.80 -8.32 4.72
C THR C 31 17.43 -7.91 5.24
N HIS C 32 17.38 -7.19 6.38
CA HIS C 32 16.12 -6.68 6.90
C HIS C 32 15.71 -5.41 6.13
N VAL C 33 15.43 -5.60 4.85
CA VAL C 33 15.11 -4.49 3.95
C VAL C 33 13.90 -4.86 3.13
N ALA C 34 13.00 -3.88 2.95
CA ALA C 34 11.84 -4.06 2.10
C ALA C 34 11.74 -2.87 1.15
N TRP C 35 10.99 -3.09 0.07
CA TRP C 35 10.73 -2.05 -0.92
C TRP C 35 9.24 -1.92 -1.14
N TYR C 36 8.79 -0.67 -1.37
CA TYR C 36 7.39 -0.33 -1.51
C TYR C 36 7.22 0.60 -2.69
N GLN C 37 6.07 0.48 -3.35
CA GLN C 37 5.65 1.31 -4.47
C GLN C 37 4.49 2.18 -4.03
N GLN C 38 4.56 3.47 -4.32
CA GLN C 38 3.45 4.34 -3.98
C GLN C 38 3.06 5.18 -5.19
N LYS C 39 1.93 4.85 -5.76
CA LYS C 39 1.40 5.60 -6.89
C LYS C 39 0.69 6.85 -6.37
N PRO C 40 0.65 7.91 -7.17
CA PRO C 40 0.10 9.17 -6.66
C PRO C 40 -1.35 9.02 -6.21
N GLY C 41 -1.63 9.56 -5.03
CA GLY C 41 -2.92 9.42 -4.41
C GLY C 41 -3.14 8.18 -3.57
N GLN C 42 -2.26 7.18 -3.67
CA GLN C 42 -2.52 5.87 -3.08
C GLN C 42 -1.55 5.58 -1.94
N SER C 43 -1.86 4.53 -1.21
CA SER C 43 -1.00 4.06 -0.17
C SER C 43 0.17 3.27 -0.76
N PRO C 44 1.25 3.12 -0.02
CA PRO C 44 2.30 2.18 -0.44
C PRO C 44 1.75 0.76 -0.67
N LYS C 45 2.36 0.07 -1.60
CA LYS C 45 2.13 -1.34 -1.87
C LYS C 45 3.46 -2.07 -1.73
N ALA C 46 3.44 -3.21 -1.08
CA ALA C 46 4.65 -3.99 -0.82
C ALA C 46 5.14 -4.72 -2.07
N LEU C 47 6.43 -4.66 -2.31
CA LEU C 47 7.06 -5.30 -3.46
C LEU C 47 8.06 -6.36 -3.04
N ILE C 48 8.97 -6.05 -2.12
CA ILE C 48 10.11 -6.91 -1.82
C ILE C 48 10.21 -7.05 -0.31
N TYR C 49 10.54 -8.25 0.17
CA TYR C 49 10.89 -8.45 1.58
C TYR C 49 12.23 -9.18 1.63
N SER C 50 12.89 -9.04 2.78
CA SER C 50 14.20 -9.66 3.03
C SER C 50 15.19 -9.31 1.94
N ALA C 51 15.15 -8.07 1.50
CA ALA C 51 16.10 -7.52 0.53
C ALA C 51 15.93 -8.04 -0.89
N SER C 52 15.60 -9.33 -1.04
CA SER C 52 15.58 -9.86 -2.40
C SER C 52 14.45 -10.84 -2.70
N TYR C 53 13.45 -10.97 -1.85
CA TYR C 53 12.32 -11.86 -2.11
C TYR C 53 11.14 -11.03 -2.55
N ARG C 54 10.49 -11.47 -3.60
CA ARG C 54 9.27 -10.85 -4.07
C ARG C 54 8.07 -11.57 -3.49
N TYR C 55 7.08 -10.81 -3.06
CA TYR C 55 5.81 -11.42 -2.66
C TYR C 55 5.10 -12.08 -3.85
N SER C 56 4.30 -13.11 -3.55
CA SER C 56 3.37 -13.64 -4.52
C SER C 56 2.51 -12.51 -5.10
N GLY C 57 2.25 -12.59 -6.39
CA GLY C 57 1.45 -11.58 -7.06
C GLY C 57 2.22 -10.36 -7.54
N VAL C 58 3.45 -10.16 -7.10
CA VAL C 58 4.20 -9.00 -7.53
C VAL C 58 4.87 -9.38 -8.90
N PRO C 59 4.73 -8.55 -9.92
CA PRO C 59 5.37 -8.90 -11.22
C PRO C 59 6.87 -9.17 -11.09
N ASP C 60 7.35 -10.12 -11.90
CA ASP C 60 8.73 -10.54 -11.84
C ASP C 60 9.69 -9.52 -12.42
N ARG C 61 9.20 -8.39 -12.94
CA ARG C 61 10.13 -7.34 -13.35
C ARG C 61 10.59 -6.47 -12.19
N PHE C 62 10.12 -6.72 -10.97
CA PHE C 62 10.63 -6.07 -9.79
C PHE C 62 11.61 -7.03 -9.10
N THR C 63 12.85 -6.60 -8.91
CA THR C 63 13.83 -7.40 -8.19
C THR C 63 14.57 -6.55 -7.14
N GLY C 64 14.73 -7.11 -5.96
CA GLY C 64 15.53 -6.51 -4.91
C GLY C 64 16.88 -7.18 -4.79
N SER C 65 17.90 -6.41 -4.45
CA SER C 65 19.25 -6.93 -4.31
C SER C 65 19.97 -6.11 -3.27
N GLY C 66 21.07 -6.66 -2.79
CA GLY C 66 21.96 -6.01 -1.84
C GLY C 66 21.93 -6.69 -0.47
N VAL C 67 23.01 -6.51 0.26
CA VAL C 67 23.18 -7.00 1.61
C VAL C 67 24.07 -6.02 2.36
N GLY C 68 23.71 -5.77 3.64
CA GLY C 68 24.57 -4.92 4.45
C GLY C 68 24.11 -3.50 4.53
N THR C 69 24.71 -2.62 3.72
CA THR C 69 24.29 -1.23 3.66
C THR C 69 23.75 -0.76 2.31
N ASP C 70 24.07 -1.44 1.21
CA ASP C 70 23.77 -0.98 -0.16
C ASP C 70 22.70 -1.87 -0.78
N PHE C 71 21.57 -1.29 -1.15
CA PHE C 71 20.46 -2.06 -1.65
C PHE C 71 19.97 -1.43 -2.94
N THR C 72 19.42 -2.27 -3.79
CA THR C 72 18.89 -1.84 -5.06
C THR C 72 17.55 -2.49 -5.33
N LEU C 73 16.64 -1.70 -5.87
CA LEU C 73 15.41 -2.18 -6.47
C LEU C 73 15.57 -2.00 -7.97
N THR C 74 15.49 -3.10 -8.73
CA THR C 74 15.62 -3.05 -10.19
C THR C 74 14.25 -3.31 -10.80
N ILE C 75 13.88 -2.48 -11.77
CA ILE C 75 12.65 -2.62 -12.54
C ILE C 75 13.05 -2.80 -13.99
N THR C 76 12.68 -3.93 -14.59
CA THR C 76 12.99 -4.23 -15.98
C THR C 76 11.69 -4.20 -16.76
N ASN C 77 11.80 -4.04 -18.07
CA ASN C 77 10.62 -3.94 -18.93
C ASN C 77 9.58 -2.98 -18.34
N VAL C 78 10.05 -1.78 -18.01
CA VAL C 78 9.23 -0.78 -17.35
C VAL C 78 7.95 -0.53 -18.12
N GLN C 79 6.84 -0.54 -17.40
CA GLN C 79 5.51 -0.27 -17.91
C GLN C 79 5.02 1.07 -17.37
N SER C 80 4.09 1.67 -18.13
CA SER C 80 3.53 2.96 -17.72
C SER C 80 2.90 2.89 -16.35
N GLU C 81 2.34 1.74 -15.96
CA GLU C 81 1.72 1.59 -14.65
C GLU C 81 2.74 1.53 -13.53
N ASP C 82 4.04 1.49 -13.84
CA ASP C 82 5.07 1.54 -12.82
C ASP C 82 5.37 2.96 -12.39
N LEU C 83 4.68 3.95 -12.95
CA LEU C 83 4.86 5.33 -12.52
C LEU C 83 4.49 5.45 -11.03
N ALA C 84 5.46 5.77 -10.20
CA ALA C 84 5.26 5.72 -8.75
C ALA C 84 6.52 6.22 -8.08
N GLU C 85 6.42 6.44 -6.79
CA GLU C 85 7.58 6.66 -5.95
C GLU C 85 7.93 5.32 -5.32
N TYR C 86 9.21 5.02 -5.23
CA TYR C 86 9.68 3.77 -4.67
C TYR C 86 10.49 4.06 -3.41
N PHE C 87 10.13 3.39 -2.33
CA PHE C 87 10.70 3.61 -1.00
C PHE C 87 11.33 2.33 -0.49
N CYS C 88 12.52 2.42 0.06
CA CYS C 88 13.10 1.32 0.82
C CYS C 88 12.73 1.49 2.31
N GLN C 89 12.88 0.41 3.07
CA GLN C 89 12.61 0.41 4.50
C GLN C 89 13.57 -0.60 5.10
N GLN C 90 14.13 -0.31 6.27
CA GLN C 90 14.84 -1.30 7.06
C GLN C 90 13.97 -1.58 8.29
N TYR C 91 14.04 -2.82 8.74
CA TYR C 91 13.33 -3.28 9.92
C TYR C 91 14.26 -4.11 10.79
N ASN C 92 15.55 -3.84 10.71
CA ASN C 92 16.53 -4.47 11.59
C ASN C 92 16.47 -3.90 12.99
N SER C 93 16.38 -2.59 13.12
CA SER C 93 16.27 -1.89 14.39
C SER C 93 15.15 -0.87 14.29
N TYR C 94 14.03 -1.13 14.96
CA TYR C 94 12.81 -0.34 14.72
C TYR C 94 12.47 -0.40 13.23
N PHE C 95 11.97 0.70 12.68
CA PHE C 95 11.47 0.76 11.32
C PHE C 95 11.73 2.18 10.79
N THR C 96 12.56 2.30 9.76
CA THR C 96 12.83 3.60 9.14
C THR C 96 12.74 3.44 7.63
N PHE C 97 12.37 4.52 6.97
CA PHE C 97 12.06 4.52 5.55
C PHE C 97 13.00 5.46 4.83
N GLY C 98 13.30 5.15 3.57
CA GLY C 98 14.01 6.11 2.75
C GLY C 98 13.10 7.24 2.31
N SER C 99 13.69 8.21 1.65
CA SER C 99 12.95 9.41 1.25
C SER C 99 12.23 9.24 -0.09
N GLY C 100 12.39 8.11 -0.78
CA GLY C 100 11.63 7.87 -1.98
C GLY C 100 12.26 8.36 -3.27
N THR C 101 12.11 7.56 -4.32
CA THR C 101 12.61 7.91 -5.65
C THR C 101 11.42 7.85 -6.60
N LYS C 102 11.14 8.97 -7.26
CA LYS C 102 9.99 9.09 -8.15
C LYS C 102 10.44 8.74 -9.56
N LEU C 103 9.70 7.86 -10.21
CA LEU C 103 10.02 7.44 -11.56
C LEU C 103 9.27 8.30 -12.57
N GLU C 104 9.95 8.66 -13.65
CA GLU C 104 9.35 9.43 -14.73
C GLU C 104 9.50 8.61 -16.00
N ILE C 105 8.42 8.54 -16.80
CA ILE C 105 8.44 7.78 -18.05
C ILE C 105 8.56 8.74 -19.22
N LYS C 106 9.54 8.49 -20.08
CA LYS C 106 9.69 9.22 -21.33
C LYS C 106 8.91 8.48 -22.42
N ARG C 107 8.15 9.24 -23.21
CA ARG C 107 7.33 8.71 -24.27
C ARG C 107 7.36 9.69 -25.42
N ALA C 108 6.63 9.38 -26.49
CA ALA C 108 6.57 10.24 -27.66
C ALA C 108 5.64 11.43 -27.39
N ASP C 109 5.86 12.49 -28.13
CA ASP C 109 5.05 13.69 -27.94
C ASP C 109 3.59 13.43 -28.27
N ALA C 110 2.72 14.26 -27.69
CA ALA C 110 1.27 14.11 -27.87
C ALA C 110 0.64 15.48 -27.68
N ALA C 111 -0.18 15.88 -28.65
CA ALA C 111 -0.86 17.16 -28.58
C ALA C 111 -1.99 17.07 -27.58
N PRO C 112 -2.31 18.18 -26.90
CA PRO C 112 -3.39 18.19 -25.92
C PRO C 112 -4.73 18.24 -26.62
N THR C 113 -5.72 17.63 -25.98
CA THR C 113 -7.12 17.79 -26.33
C THR C 113 -7.68 18.87 -25.40
N VAL C 114 -8.18 19.96 -25.97
CA VAL C 114 -8.57 21.14 -25.22
C VAL C 114 -10.09 21.24 -25.22
N SER C 115 -10.65 21.56 -24.06
CA SER C 115 -12.07 21.75 -23.89
C SER C 115 -12.28 22.97 -22.99
N ILE C 116 -13.27 23.78 -23.33
CA ILE C 116 -13.60 24.96 -22.54
C ILE C 116 -15.05 24.83 -22.07
N PHE C 117 -15.31 25.32 -20.85
CA PHE C 117 -16.61 25.15 -20.22
C PHE C 117 -17.11 26.46 -19.61
N PRO C 118 -18.27 26.95 -20.01
CA PRO C 118 -18.76 28.19 -19.40
C PRO C 118 -19.18 27.94 -17.95
N PRO C 119 -19.44 29.01 -17.20
CA PRO C 119 -19.91 28.82 -15.82
C PRO C 119 -21.27 28.12 -15.79
N SER C 120 -21.44 27.28 -14.79
CA SER C 120 -22.72 26.67 -14.50
C SER C 120 -23.74 27.74 -14.17
N SER C 121 -25.00 27.47 -14.54
CA SER C 121 -26.08 28.34 -14.07
C SER C 121 -26.13 28.33 -12.55
N GLU C 122 -25.85 27.18 -11.93
CA GLU C 122 -25.87 27.08 -10.46
C GLU C 122 -24.83 27.98 -9.82
N GLN C 123 -23.64 28.07 -10.41
CA GLN C 123 -22.63 28.97 -9.86
C GLN C 123 -23.02 30.43 -10.08
N LEU C 124 -23.57 30.76 -11.26
CA LEU C 124 -23.93 32.14 -11.54
C LEU C 124 -24.95 32.65 -10.51
N THR C 125 -25.98 31.84 -10.24
CA THR C 125 -27.01 32.25 -9.29
C THR C 125 -26.42 32.53 -7.91
N SER C 126 -25.24 32.01 -7.61
CA SER C 126 -24.56 32.30 -6.35
C SER C 126 -23.60 33.47 -6.46
N GLY C 127 -23.54 34.14 -7.62
CA GLY C 127 -22.72 35.33 -7.79
C GLY C 127 -21.38 35.10 -8.44
N GLY C 128 -20.97 33.86 -8.63
CA GLY C 128 -19.65 33.56 -9.16
C GLY C 128 -19.69 33.00 -10.56
N ALA C 129 -18.55 33.08 -11.27
CA ALA C 129 -18.47 32.59 -12.64
C ALA C 129 -17.05 32.08 -12.88
N SER C 130 -16.89 30.78 -12.82
CA SER C 130 -15.62 30.14 -13.16
C SER C 130 -15.76 29.54 -14.56
N VAL C 131 -14.89 29.93 -15.47
CA VAL C 131 -14.78 29.28 -16.77
C VAL C 131 -13.56 28.36 -16.71
N VAL C 132 -13.74 27.13 -17.18
CA VAL C 132 -12.73 26.09 -16.99
C VAL C 132 -12.25 25.63 -18.35
N CYS C 133 -10.95 25.44 -18.46
CA CYS C 133 -10.30 24.88 -19.64
C CYS C 133 -9.52 23.64 -19.21
N PHE C 134 -9.80 22.49 -19.85
CA PHE C 134 -9.02 21.26 -19.66
C PHE C 134 -8.09 21.10 -20.84
N LEU C 135 -6.84 20.73 -20.56
CA LEU C 135 -5.83 20.37 -21.56
C LEU C 135 -5.42 18.97 -21.20
N ASN C 136 -5.91 17.97 -21.93
CA ASN C 136 -5.79 16.59 -21.50
C ASN C 136 -4.85 15.79 -22.39
N ASN C 137 -4.06 14.92 -21.75
CA ASN C 137 -3.29 13.85 -22.41
C ASN C 137 -2.32 14.41 -23.45
N PHE C 138 -1.44 15.29 -22.97
CA PHE C 138 -0.35 15.79 -23.79
C PHE C 138 0.99 15.34 -23.21
N TYR C 139 2.02 15.40 -24.04
CA TYR C 139 3.40 15.12 -23.66
C TYR C 139 4.33 15.88 -24.60
N PRO C 140 5.35 16.58 -24.12
CA PRO C 140 5.82 16.64 -22.72
C PRO C 140 5.07 17.64 -21.85
N LYS C 141 5.46 17.72 -20.58
CA LYS C 141 4.64 18.39 -19.59
C LYS C 141 4.52 19.87 -19.86
N ASP C 142 5.50 20.44 -20.53
CA ASP C 142 5.56 21.89 -20.66
C ASP C 142 4.50 22.43 -21.61
N ILE C 143 3.71 23.38 -21.14
CA ILE C 143 2.58 23.89 -21.92
C ILE C 143 2.21 25.25 -21.40
N ASN C 144 1.57 26.05 -22.24
CA ASN C 144 1.13 27.39 -21.90
C ASN C 144 -0.35 27.54 -22.21
N VAL C 145 -1.09 28.13 -21.28
CA VAL C 145 -2.50 28.45 -21.48
C VAL C 145 -2.62 29.95 -21.43
N LYS C 146 -3.40 30.50 -22.33
CA LYS C 146 -3.66 31.95 -22.33
C LYS C 146 -5.16 32.19 -22.42
N TRP C 147 -5.72 32.90 -21.46
CA TRP C 147 -7.13 33.28 -21.45
C TRP C 147 -7.32 34.62 -22.14
N LYS C 148 -8.38 34.72 -22.90
CA LYS C 148 -8.76 35.92 -23.61
C LYS C 148 -10.23 36.21 -23.36
N ILE C 149 -10.52 37.49 -23.12
CA ILE C 149 -11.88 37.97 -22.95
C ILE C 149 -12.10 39.07 -23.98
N ASP C 150 -13.02 38.84 -24.91
CA ASP C 150 -13.30 39.79 -25.98
C ASP C 150 -12.02 40.19 -26.69
N GLY C 151 -11.11 39.24 -26.81
CA GLY C 151 -9.92 39.42 -27.62
C GLY C 151 -8.69 39.89 -26.89
N SER C 152 -8.81 40.29 -25.63
CA SER C 152 -7.67 40.79 -24.88
C SER C 152 -7.30 39.84 -23.73
N GLU C 153 -5.98 39.68 -23.54
CA GLU C 153 -5.43 38.74 -22.58
C GLU C 153 -5.92 39.04 -21.17
N ARG C 154 -6.02 37.98 -20.37
CA ARG C 154 -6.49 38.06 -19.00
C ARG C 154 -5.62 37.16 -18.13
N GLN C 155 -5.03 37.73 -17.09
CA GLN C 155 -4.12 37.01 -16.21
C GLN C 155 -4.61 36.85 -14.79
N ASN C 156 -5.19 37.89 -14.21
CA ASN C 156 -5.66 37.82 -12.85
C ASN C 156 -6.89 36.93 -12.76
N GLY C 157 -6.97 36.16 -11.67
CA GLY C 157 -8.09 35.26 -11.46
C GLY C 157 -7.95 33.90 -12.09
N VAL C 158 -6.79 33.54 -12.60
CA VAL C 158 -6.56 32.26 -13.26
C VAL C 158 -5.75 31.39 -12.33
N LEU C 159 -6.21 30.15 -12.13
CA LEU C 159 -5.49 29.18 -11.33
C LEU C 159 -5.34 27.90 -12.13
N ASN C 160 -4.15 27.32 -12.08
CA ASN C 160 -3.83 26.11 -12.85
C ASN C 160 -3.31 24.96 -11.99
N SER C 161 -3.61 23.75 -12.42
CA SER C 161 -3.26 22.52 -11.74
C SER C 161 -2.96 21.47 -12.79
N TRP C 162 -1.86 20.74 -12.60
CA TRP C 162 -1.43 19.66 -13.48
C TRP C 162 -1.59 18.30 -12.80
N THR C 163 -1.98 17.28 -13.55
CA THR C 163 -1.93 15.94 -13.02
C THR C 163 -0.48 15.42 -12.93
N ASP C 164 -0.32 14.30 -12.23
CA ASP C 164 0.90 13.51 -12.40
C ASP C 164 0.77 12.72 -13.69
N GLN C 165 1.88 12.11 -14.12
CA GLN C 165 1.87 11.31 -15.34
C GLN C 165 0.79 10.23 -15.24
N ASP C 166 0.03 10.07 -16.33
CA ASP C 166 -1.05 9.10 -16.35
C ASP C 166 -0.46 7.71 -16.33
N SER C 167 -1.09 6.81 -15.57
CA SER C 167 -0.51 5.49 -15.39
C SER C 167 -0.78 4.56 -16.55
N LYS C 168 -1.57 4.97 -17.54
CA LYS C 168 -1.86 4.13 -18.69
C LYS C 168 -1.19 4.59 -19.97
N ASP C 169 -1.10 5.90 -20.24
CA ASP C 169 -0.41 6.39 -21.44
C ASP C 169 0.75 7.33 -21.12
N SER C 170 1.04 7.55 -19.83
CA SER C 170 2.15 8.36 -19.37
C SER C 170 2.07 9.81 -19.86
N THR C 171 0.90 10.29 -20.23
CA THR C 171 0.75 11.68 -20.60
C THR C 171 0.42 12.54 -19.36
N TYR C 172 0.49 13.84 -19.54
CA TYR C 172 0.10 14.82 -18.55
C TYR C 172 -1.24 15.42 -18.96
N SER C 173 -1.95 15.96 -17.97
CA SER C 173 -3.15 16.75 -18.20
C SER C 173 -3.11 17.98 -17.29
N MET C 174 -3.85 19.01 -17.69
CA MET C 174 -3.81 20.26 -16.95
C MET C 174 -5.17 20.93 -16.96
N SER C 175 -5.45 21.63 -15.87
CA SER C 175 -6.72 22.33 -15.66
C SER C 175 -6.44 23.80 -15.40
N SER C 176 -7.15 24.66 -16.09
CA SER C 176 -6.99 26.10 -15.93
C SER C 176 -8.38 26.67 -15.71
N THR C 177 -8.54 27.41 -14.63
CA THR C 177 -9.83 27.99 -14.27
C THR C 177 -9.71 29.52 -14.11
N LEU C 178 -10.48 30.26 -14.88
CA LEU C 178 -10.61 31.70 -14.74
C LEU C 178 -11.85 32.00 -13.92
N THR C 179 -11.65 32.54 -12.74
CA THR C 179 -12.73 32.86 -11.84
C THR C 179 -12.94 34.38 -11.82
N LEU C 180 -14.19 34.79 -11.82
CA LEU C 180 -14.55 36.19 -11.68
C LEU C 180 -16.02 36.27 -11.26
N THR C 181 -16.43 37.47 -10.89
CA THR C 181 -17.78 37.68 -10.41
C THR C 181 -18.77 37.49 -11.55
N LYS C 182 -20.00 37.15 -11.20
CA LYS C 182 -21.05 37.05 -12.22
C LYS C 182 -21.11 38.32 -13.05
N ASP C 183 -21.18 39.50 -12.43
CA ASP C 183 -21.38 40.69 -13.25
C ASP C 183 -20.23 40.87 -14.23
N GLU C 184 -18.98 40.76 -13.71
CA GLU C 184 -17.87 40.83 -14.66
C GLU C 184 -18.10 39.85 -15.84
N TYR C 185 -18.55 38.63 -15.55
CA TYR C 185 -18.76 37.65 -16.61
C TYR C 185 -19.79 38.14 -17.61
N GLU C 186 -20.83 38.83 -17.14
CA GLU C 186 -21.86 39.33 -18.03
C GLU C 186 -21.46 40.60 -18.78
N ARG C 187 -20.34 41.23 -18.44
CA ARG C 187 -19.92 42.44 -19.13
C ARG C 187 -19.22 42.14 -20.45
N HIS C 188 -18.83 40.90 -20.70
CA HIS C 188 -18.13 40.51 -21.91
C HIS C 188 -18.84 39.30 -22.52
N ASN C 189 -18.58 39.09 -23.80
CA ASN C 189 -19.25 38.06 -24.57
C ASN C 189 -18.36 36.91 -24.97
N SER C 190 -17.12 37.19 -25.38
CA SER C 190 -16.22 36.16 -25.93
C SER C 190 -15.22 35.69 -24.86
N TYR C 191 -15.14 34.38 -24.64
CA TYR C 191 -14.21 33.76 -23.70
C TYR C 191 -13.47 32.67 -24.45
N THR C 192 -12.15 32.71 -24.37
CA THR C 192 -11.32 31.82 -25.16
C THR C 192 -10.14 31.32 -24.35
N CYS C 193 -9.82 30.04 -24.53
CA CYS C 193 -8.68 29.38 -23.93
C CYS C 193 -7.77 28.97 -25.08
N GLU C 194 -6.49 29.34 -24.99
CA GLU C 194 -5.54 29.05 -26.06
C GLU C 194 -4.32 28.35 -25.47
N ALA C 195 -4.00 27.17 -25.98
CA ALA C 195 -2.92 26.34 -25.49
C ALA C 195 -1.83 26.26 -26.55
N THR C 196 -0.59 26.53 -26.14
CA THR C 196 0.57 26.41 -27.00
C THR C 196 1.47 25.29 -26.46
N HIS C 197 1.81 24.34 -27.33
CA HIS C 197 2.55 23.15 -26.98
C HIS C 197 3.49 22.86 -28.14
N LYS C 198 4.66 22.30 -27.82
CA LYS C 198 5.67 22.06 -28.82
C LYS C 198 5.21 21.14 -29.93
N THR C 199 4.03 20.51 -29.83
CA THR C 199 3.54 19.68 -30.91
C THR C 199 2.98 20.45 -32.10
N SER C 200 2.91 21.77 -32.03
CA SER C 200 2.34 22.55 -33.14
C SER C 200 2.71 24.02 -32.97
N THR C 201 3.11 24.66 -34.07
CA THR C 201 3.39 26.09 -34.00
C THR C 201 2.11 26.89 -33.82
N SER C 202 1.02 26.38 -34.32
CA SER C 202 -0.22 27.15 -34.15
C SER C 202 -0.92 26.75 -32.85
N PRO C 203 -1.25 27.71 -32.00
CA PRO C 203 -1.94 27.38 -30.74
C PRO C 203 -3.26 26.66 -30.98
N ILE C 204 -3.65 25.87 -29.98
CA ILE C 204 -4.97 25.24 -29.97
C ILE C 204 -5.95 26.17 -29.27
N VAL C 205 -7.00 26.56 -29.98
CA VAL C 205 -7.93 27.60 -29.55
C VAL C 205 -9.32 26.99 -29.41
N LYS C 206 -9.97 27.21 -28.27
CA LYS C 206 -11.38 26.88 -28.11
C LYS C 206 -12.06 28.04 -27.39
N SER C 207 -13.32 28.26 -27.74
CA SER C 207 -14.00 29.50 -27.36
C SER C 207 -15.50 29.25 -27.26
N PHE C 208 -16.19 30.21 -26.66
CA PHE C 208 -17.64 30.24 -26.65
C PHE C 208 -18.11 31.67 -26.45
N ASN C 209 -19.38 31.90 -26.74
CA ASN C 209 -20.06 33.17 -26.46
C ASN C 209 -21.29 32.89 -25.61
N ARG C 210 -21.56 33.77 -24.64
CA ARG C 210 -22.69 33.58 -23.73
C ARG C 210 -23.99 33.37 -24.50
C1 NAG D . 12.47 -27.56 28.22
C2 NAG D . 13.96 -27.28 28.07
C3 NAG D . 14.77 -28.40 28.70
C4 NAG D . 14.33 -28.64 30.15
C5 NAG D . 12.82 -28.84 30.22
C6 NAG D . 12.31 -28.91 31.64
C7 NAG D . 15.19 -26.20 26.23
C8 NAG D . 15.44 -26.18 24.76
N2 NAG D . 14.32 -27.12 26.66
O3 NAG D . 16.15 -28.07 28.66
O4 NAG D . 14.99 -29.79 30.67
O5 NAG D . 12.15 -27.73 29.60
O6 NAG D . 10.94 -29.28 31.69
O7 NAG D . 15.75 -25.43 26.99
H1 NAG D . 12.25 -28.38 27.74
H2 NAG D . 14.17 -26.45 28.54
H3 NAG D . 14.62 -29.22 28.20
H4 NAG D . 14.57 -27.85 30.68
H5 NAG D . 12.58 -29.66 29.75
H61 NAG D . 12.84 -29.56 32.13
H62 NAG D . 12.41 -28.03 32.07
H81 NAG D . 16.25 -25.66 24.58
H82 NAG D . 15.54 -27.08 24.43
H83 NAG D . 14.68 -25.75 24.31
HN2 NAG D . 13.93 -27.67 26.05
HO3 NAG D . 16.62 -28.79 28.45
HO4 NAG D . 15.60 -29.53 31.26
HO6 NAG D . 10.71 -29.52 32.51
#